data_9I22
#
_entry.id   9I22
#
_cell.length_a   155.195
_cell.length_b   155.195
_cell.length_c   126.841
_cell.angle_alpha   90.000
_cell.angle_beta   90.000
_cell.angle_gamma   90.000
#
_symmetry.space_group_name_H-M   'P 41 21 2'
#
loop_
_entity.id
_entity.type
_entity.pdbx_description
1 polymer 'ATP-dependent DNA helicase Q1'
2 polymer "DNA (5'-D(P*GP*GP*GP*TP*GP*GP*GP*TP*AP*GP*GP*GP*TP*GP*GP*GP*T)-3')"
3 non-polymer 'ZINC ION'
4 non-polymer "ADENOSINE-5'-DIPHOSPHATE"
5 non-polymer 'MAGNESIUM ION'
6 non-polymer 'POTASSIUM ION'
7 non-polymer 'TRIETHYLENE GLYCOL'
#
loop_
_entity_poly.entity_id
_entity_poly.type
_entity_poly.pdbx_seq_one_letter_code
_entity_poly.pdbx_strand_id
1 'polypeptide(L)'
;DSSPAAWNKEDFPWSGKVKDILQNVFKLEKFRPLQLETINVTMAGKEVFLVMPTGGGKSLCYQLPALCSDGFTLVICPLI
SLMEDQLMVLKQLGISATMLNASSSKEHVKWVHAEMVNKNSELKLIYVTPEKIAKSKMFMSRLEKAYEARRFTRIAVDEV
HCCSQWGHDFRPDYKALGILKRQFPNASLIGLTATATNHVLTDAQKILCIEKCFTFTASFNRPNLYYEVRQKPSNTEDFI
EDIVKLINGRYKGQSGIIYCFSQKDSEQVTVSLQNLGIHAGAYHANLEPEDKTTVHRKWSANEIQVVVATVAFGMGIDKP
DVRFVIHHSMSKSMENYYQESGRAGRDDMKADCILYYGFGDIFRISSMVVMENVGQQKLYEMVSYCQNISKCRRVLMAQH
FDEVWNSEACNKMCDNCCKDSAFERKNITEYCRDLIKILKQAEELNEKLTPLKLIDSWMGKGAAKLRVAGVVAPTLPRED
LEKIIAHFLIQQYLKEDYSFTAYATISYLKIGPKANLLNNEAHAITMQVTK
;
A,B
2 'polydeoxyribonucleotide'
;(DA)(DG)(DG)(DG)(DT)(DG)(DG)(DG)(DT)(DA)(DG)(DG)(DG)(DT)(DG)(DG)(DG)(DT)(DT)(DT)
(DT)(DT)(DT)(DT)
;
C,D
#
loop_
_chem_comp.id
_chem_comp.type
_chem_comp.name
_chem_comp.formula
ADP non-polymer ADENOSINE-5'-DIPHOSPHATE 'C10 H15 N5 O10 P2'
DA DNA linking 2'-DEOXYADENOSINE-5'-MONOPHOSPHATE 'C10 H14 N5 O6 P'
DG DNA linking 2'-DEOXYGUANOSINE-5'-MONOPHOSPHATE 'C10 H14 N5 O7 P'
DT DNA linking THYMIDINE-5'-MONOPHOSPHATE 'C10 H15 N2 O8 P'
K non-polymer 'POTASSIUM ION' 'K 1'
MG non-polymer 'MAGNESIUM ION' 'Mg 2'
PGE non-polymer 'TRIETHYLENE GLYCOL' 'C6 H14 O4'
ZN non-polymer 'ZINC ION' 'Zn 2'
#
# COMPACT_ATOMS: atom_id res chain seq x y z
N ASP A 1 7.00 -15.84 18.62
CA ASP A 1 8.09 -16.64 18.06
C ASP A 1 8.35 -17.87 18.93
N SER A 2 7.66 -18.97 18.63
CA SER A 2 7.85 -20.20 19.37
C SER A 2 9.25 -20.76 19.11
N SER A 3 9.78 -21.46 20.10
CA SER A 3 11.16 -21.91 20.03
C SER A 3 11.34 -22.99 18.95
N PRO A 4 12.23 -22.78 17.97
CA PRO A 4 12.56 -23.86 17.03
C PRO A 4 13.21 -25.07 17.67
N ALA A 5 13.80 -24.92 18.87
CA ALA A 5 14.67 -25.95 19.41
C ALA A 5 13.95 -27.28 19.63
N ALA A 6 12.64 -27.24 19.88
CA ALA A 6 11.87 -28.48 20.00
C ALA A 6 11.86 -29.25 18.68
N TRP A 7 11.94 -28.54 17.55
CA TRP A 7 11.90 -29.14 16.22
C TRP A 7 13.29 -29.44 15.66
N ASN A 8 14.35 -29.15 16.40
CA ASN A 8 15.71 -29.39 15.92
C ASN A 8 16.12 -30.84 16.19
N LYS A 9 15.42 -31.75 15.53
CA LYS A 9 15.67 -33.17 15.66
C LYS A 9 15.28 -33.86 14.35
N GLU A 10 15.80 -35.07 14.16
CA GLU A 10 15.49 -35.86 12.97
C GLU A 10 14.88 -37.21 13.35
N ASP A 11 13.97 -37.21 14.34
CA ASP A 11 13.24 -38.41 14.73
C ASP A 11 11.89 -38.55 14.03
N PHE A 12 11.54 -37.62 13.16
CA PHE A 12 10.23 -37.62 12.52
C PHE A 12 10.14 -38.75 11.49
N PRO A 13 8.91 -39.17 11.17
CA PRO A 13 8.74 -40.23 10.15
C PRO A 13 9.34 -39.87 8.80
N TRP A 14 9.30 -38.59 8.43
CA TRP A 14 9.83 -38.12 7.16
C TRP A 14 11.31 -37.78 7.21
N SER A 15 11.96 -37.97 8.37
CA SER A 15 13.34 -37.54 8.55
C SER A 15 14.28 -38.25 7.58
N GLY A 16 14.06 -39.54 7.34
CA GLY A 16 14.89 -40.26 6.38
C GLY A 16 14.76 -39.67 4.99
N LYS A 17 13.54 -39.34 4.58
CA LYS A 17 13.33 -38.69 3.29
C LYS A 17 14.02 -37.33 3.24
N VAL A 18 13.92 -36.55 4.32
CA VAL A 18 14.52 -35.22 4.32
C VAL A 18 16.04 -35.31 4.19
N LYS A 19 16.66 -36.24 4.94
CA LYS A 19 18.11 -36.41 4.80
C LYS A 19 18.47 -36.90 3.40
N ASP A 20 17.68 -37.82 2.84
CA ASP A 20 17.96 -38.33 1.51
C ASP A 20 17.92 -37.23 0.44
N ILE A 21 16.90 -36.37 0.50
CA ILE A 21 16.79 -35.29 -0.48
C ILE A 21 17.91 -34.28 -0.32
N LEU A 22 18.22 -33.91 0.93
CA LEU A 22 19.22 -32.87 1.17
C LEU A 22 20.59 -33.27 0.61
N GLN A 23 20.99 -34.52 0.83
CA GLN A 23 22.31 -34.95 0.38
C GLN A 23 22.31 -35.40 -1.08
N ASN A 24 21.39 -36.29 -1.44
CA ASN A 24 21.43 -36.87 -2.79
C ASN A 24 20.94 -35.90 -3.86
N VAL A 25 19.93 -35.09 -3.55
CA VAL A 25 19.34 -34.20 -4.55
C VAL A 25 19.93 -32.80 -4.50
N PHE A 26 19.98 -32.19 -3.33
CA PHE A 26 20.52 -30.85 -3.22
C PHE A 26 22.04 -30.81 -3.06
N LYS A 27 22.68 -31.97 -2.89
CA LYS A 27 24.13 -32.05 -2.75
C LYS A 27 24.63 -31.16 -1.60
N LEU A 28 23.90 -31.18 -0.48
CA LEU A 28 24.21 -30.34 0.67
C LEU A 28 24.61 -31.21 1.85
N GLU A 29 25.63 -30.77 2.59
CA GLU A 29 26.16 -31.59 3.68
C GLU A 29 25.32 -31.45 4.95
N LYS A 30 25.19 -30.23 5.47
CA LYS A 30 24.57 -30.00 6.78
C LYS A 30 23.53 -28.89 6.68
N PHE A 31 22.48 -29.02 7.49
CA PHE A 31 21.49 -27.95 7.57
C PHE A 31 22.07 -26.72 8.24
N ARG A 32 21.78 -25.55 7.69
CA ARG A 32 22.07 -24.29 8.34
C ARG A 32 21.09 -24.06 9.49
N PRO A 33 21.44 -23.21 10.47
CA PRO A 33 20.52 -23.06 11.59
C PRO A 33 19.16 -22.58 11.11
N LEU A 34 18.14 -23.14 11.73
CA LEU A 34 16.70 -22.90 11.64
C LEU A 34 16.17 -23.47 10.36
N GLN A 35 17.04 -24.02 9.50
CA GLN A 35 16.59 -24.71 8.29
C GLN A 35 15.82 -25.98 8.61
N LEU A 36 16.41 -26.83 9.45
CA LEU A 36 15.81 -28.11 9.79
C LEU A 36 14.51 -27.91 10.55
N GLU A 37 14.51 -26.98 11.50
CA GLU A 37 13.31 -26.70 12.27
C GLU A 37 12.20 -26.18 11.38
N THR A 38 12.53 -25.28 10.46
CA THR A 38 11.53 -24.77 9.51
C THR A 38 10.99 -25.89 8.63
N ILE A 39 11.87 -26.76 8.13
CA ILE A 39 11.45 -27.85 7.25
C ILE A 39 10.51 -28.80 7.99
N ASN A 40 10.84 -29.13 9.24
CA ASN A 40 10.04 -30.08 10.01
C ASN A 40 8.63 -29.53 10.23
N VAL A 41 8.52 -28.24 10.56
CA VAL A 41 7.21 -27.65 10.81
C VAL A 41 6.36 -27.68 9.54
N THR A 42 6.94 -27.36 8.38
CA THR A 42 6.19 -27.45 7.14
C THR A 42 5.76 -28.88 6.84
N MET A 43 6.67 -29.85 7.04
CA MET A 43 6.29 -31.25 6.86
C MET A 43 5.29 -31.74 7.88
N ALA A 44 5.11 -31.01 8.98
CA ALA A 44 4.11 -31.35 9.99
C ALA A 44 2.74 -30.78 9.66
N GLY A 45 2.61 -30.06 8.56
CA GLY A 45 1.36 -29.44 8.19
C GLY A 45 1.10 -28.11 8.85
N LYS A 46 2.05 -27.58 9.62
CA LYS A 46 1.87 -26.33 10.33
C LYS A 46 2.27 -25.14 9.48
N GLU A 47 1.63 -24.00 9.74
CA GLU A 47 2.06 -22.73 9.18
C GLU A 47 3.34 -22.26 9.87
N VAL A 48 4.25 -21.68 9.08
CA VAL A 48 5.52 -21.21 9.62
C VAL A 48 5.97 -19.98 8.86
N PHE A 49 6.53 -19.03 9.59
CA PHE A 49 7.23 -17.88 9.01
C PHE A 49 8.71 -18.00 9.36
N LEU A 50 9.58 -17.93 8.34
CA LEU A 50 11.02 -17.96 8.54
C LEU A 50 11.59 -16.60 8.18
N VAL A 51 12.22 -15.95 9.16
CA VAL A 51 12.86 -14.66 8.93
C VAL A 51 14.36 -14.93 8.90
N MET A 52 14.95 -14.82 7.72
CA MET A 52 16.35 -15.10 7.53
C MET A 52 16.95 -14.03 6.63
N PRO A 53 18.17 -13.59 6.91
CA PRO A 53 18.81 -12.58 6.06
C PRO A 53 19.04 -13.14 4.66
N THR A 54 19.07 -12.25 3.68
CA THR A 54 19.21 -12.64 2.28
C THR A 54 20.50 -13.46 2.09
N GLY A 55 20.39 -14.55 1.34
CA GLY A 55 21.50 -15.47 1.23
C GLY A 55 21.64 -16.47 2.36
N GLY A 56 20.72 -16.43 3.33
CA GLY A 56 20.77 -17.35 4.45
C GLY A 56 20.37 -18.76 4.09
N GLY A 57 19.60 -18.94 3.01
CA GLY A 57 19.04 -20.26 2.73
C GLY A 57 17.56 -20.45 2.97
N LYS A 58 16.77 -19.40 2.70
CA LYS A 58 15.31 -19.51 2.83
C LYS A 58 14.74 -20.50 1.81
N SER A 59 15.24 -20.48 0.57
CA SER A 59 14.60 -21.20 -0.53
C SER A 59 14.60 -22.71 -0.28
N LEU A 60 15.69 -23.23 0.28
CA LEU A 60 15.77 -24.66 0.56
C LEU A 60 14.63 -25.12 1.47
N CYS A 61 14.14 -24.23 2.35
CA CYS A 61 13.17 -24.61 3.36
C CYS A 61 11.80 -24.91 2.77
N TYR A 62 11.54 -24.51 1.52
CA TYR A 62 10.32 -24.95 0.85
C TYR A 62 10.57 -25.75 -0.41
N GLN A 63 11.73 -25.62 -1.04
CA GLN A 63 12.06 -26.50 -2.17
C GLN A 63 12.26 -27.95 -1.73
N LEU A 64 12.99 -28.18 -0.64
CA LEU A 64 13.18 -29.54 -0.14
C LEU A 64 11.86 -30.22 0.25
N PRO A 65 10.96 -29.59 1.00
CA PRO A 65 9.68 -30.25 1.30
C PRO A 65 8.87 -30.62 0.07
N ALA A 66 9.03 -29.87 -1.02
CA ALA A 66 8.30 -30.16 -2.25
C ALA A 66 8.65 -31.55 -2.77
N LEU A 67 9.93 -31.92 -2.68
CA LEU A 67 10.41 -33.20 -3.15
C LEU A 67 10.20 -34.34 -2.16
N CYS A 68 9.71 -34.03 -0.96
CA CYS A 68 9.47 -35.04 0.05
C CYS A 68 8.05 -35.61 0.03
N SER A 69 7.20 -35.15 -0.90
CA SER A 69 5.83 -35.62 -0.97
C SER A 69 5.37 -35.58 -2.42
N ASP A 70 4.33 -36.37 -2.70
CA ASP A 70 3.76 -36.37 -4.04
C ASP A 70 3.10 -35.04 -4.36
N GLY A 71 3.16 -34.67 -5.63
CA GLY A 71 2.54 -33.44 -6.11
C GLY A 71 3.48 -32.26 -6.06
N PHE A 72 2.93 -31.10 -6.39
CA PHE A 72 3.71 -29.87 -6.52
C PHE A 72 3.45 -28.92 -5.37
N THR A 73 4.29 -27.88 -5.29
CA THR A 73 4.16 -26.82 -4.30
C THR A 73 3.96 -25.50 -5.04
N LEU A 74 2.94 -24.75 -4.62
CA LEU A 74 2.71 -23.41 -5.17
C LEU A 74 3.60 -22.40 -4.48
N VAL A 75 4.29 -21.59 -5.27
CA VAL A 75 5.16 -20.53 -4.74
C VAL A 75 4.67 -19.19 -5.28
N ILE A 76 4.43 -18.24 -4.38
CA ILE A 76 4.01 -16.90 -4.77
C ILE A 76 5.25 -16.04 -4.73
N CYS A 77 5.57 -15.41 -5.86
CA CYS A 77 6.74 -14.54 -5.87
C CYS A 77 6.34 -13.19 -6.44
N PRO A 78 6.96 -12.10 -5.97
CA PRO A 78 6.60 -10.78 -6.51
C PRO A 78 7.30 -10.32 -7.78
N LEU A 79 8.47 -10.90 -8.09
CA LEU A 79 9.28 -10.44 -9.20
C LEU A 79 9.54 -11.59 -10.18
N ILE A 80 9.48 -11.30 -11.48
CA ILE A 80 9.86 -12.29 -12.47
C ILE A 80 11.34 -12.67 -12.34
N SER A 81 12.20 -11.69 -12.06
CA SER A 81 13.63 -11.97 -11.93
C SER A 81 13.91 -12.95 -10.78
N LEU A 82 13.22 -12.78 -9.65
CA LEU A 82 13.37 -13.71 -8.55
C LEU A 82 12.95 -15.13 -8.94
N MET A 83 11.87 -15.24 -9.71
CA MET A 83 11.42 -16.55 -10.18
C MET A 83 12.47 -17.18 -11.10
N GLU A 84 13.08 -16.37 -11.97
CA GLU A 84 14.06 -16.90 -12.89
C GLU A 84 15.27 -17.45 -12.15
N ASP A 85 15.72 -16.76 -11.10
CA ASP A 85 16.88 -17.24 -10.35
C ASP A 85 16.61 -18.61 -9.73
N GLN A 86 15.42 -18.80 -9.15
CA GLN A 86 15.09 -20.09 -8.55
C GLN A 86 15.00 -21.18 -9.61
N LEU A 87 14.42 -20.88 -10.76
CA LEU A 87 14.28 -21.88 -11.82
C LEU A 87 15.65 -22.34 -12.31
N MET A 88 16.59 -21.40 -12.46
CA MET A 88 17.93 -21.76 -12.90
C MET A 88 18.61 -22.68 -11.88
N VAL A 89 18.44 -22.39 -10.59
CA VAL A 89 18.98 -23.28 -9.56
C VAL A 89 18.34 -24.65 -9.64
N LEU A 90 17.01 -24.67 -9.79
CA LEU A 90 16.29 -25.95 -9.85
C LEU A 90 16.67 -26.75 -11.09
N LYS A 91 16.82 -26.07 -12.23
CA LYS A 91 17.19 -26.76 -13.46
C LYS A 91 18.56 -27.40 -13.34
N GLN A 92 19.52 -26.70 -12.73
CA GLN A 92 20.84 -27.28 -12.50
C GLN A 92 20.77 -28.50 -11.59
N LEU A 93 19.80 -28.51 -10.67
CA LEU A 93 19.63 -29.61 -9.73
C LEU A 93 18.76 -30.73 -10.29
N GLY A 94 18.22 -30.58 -11.49
CA GLY A 94 17.37 -31.60 -12.05
C GLY A 94 15.98 -31.68 -11.46
N ILE A 95 15.51 -30.60 -10.83
CA ILE A 95 14.18 -30.55 -10.24
C ILE A 95 13.25 -29.88 -11.25
N SER A 96 12.16 -30.57 -11.59
CA SER A 96 11.19 -30.00 -12.52
C SER A 96 10.45 -28.83 -11.88
N ALA A 97 10.38 -27.72 -12.60
CA ALA A 97 9.70 -26.53 -12.11
C ALA A 97 9.33 -25.64 -13.28
N THR A 98 8.44 -24.69 -13.02
CA THR A 98 7.92 -23.80 -14.06
C THR A 98 7.41 -22.52 -13.40
N MET A 99 7.15 -21.51 -14.23
CA MET A 99 6.67 -20.23 -13.77
C MET A 99 5.53 -19.74 -14.66
N LEU A 100 4.68 -18.89 -14.07
CA LEU A 100 3.65 -18.16 -14.81
C LEU A 100 3.76 -16.68 -14.46
N ASN A 101 3.60 -15.83 -15.48
CA ASN A 101 3.64 -14.38 -15.30
C ASN A 101 2.81 -13.73 -16.39
N ALA A 102 2.71 -12.41 -16.33
CA ALA A 102 1.90 -11.66 -17.29
C ALA A 102 2.43 -11.81 -18.70
N SER A 103 3.75 -11.87 -18.85
CA SER A 103 4.35 -11.97 -20.18
C SER A 103 4.41 -13.40 -20.71
N SER A 104 4.01 -14.40 -19.92
CA SER A 104 4.01 -15.77 -20.38
C SER A 104 3.03 -15.98 -21.53
N SER A 105 3.40 -16.84 -22.46
CA SER A 105 2.61 -17.11 -23.65
C SER A 105 1.34 -17.88 -23.31
N LYS A 106 0.36 -17.80 -24.20
CA LYS A 106 -0.89 -18.52 -24.04
C LYS A 106 -0.65 -20.01 -24.03
N GLU A 107 0.22 -20.50 -24.91
CA GLU A 107 0.53 -21.93 -24.97
C GLU A 107 1.17 -22.41 -23.67
N HIS A 108 2.11 -21.64 -23.12
CA HIS A 108 2.72 -22.03 -21.85
C HIS A 108 1.70 -22.06 -20.73
N VAL A 109 0.79 -21.09 -20.68
CA VAL A 109 -0.25 -21.10 -19.68
C VAL A 109 -1.10 -22.35 -19.81
N LYS A 110 -1.41 -22.73 -21.05
CA LYS A 110 -2.17 -23.95 -21.30
C LYS A 110 -1.41 -25.18 -20.78
N TRP A 111 -0.10 -25.24 -21.03
CA TRP A 111 0.70 -26.36 -20.54
C TRP A 111 0.71 -26.41 -19.01
N VAL A 112 0.91 -25.26 -18.36
CA VAL A 112 0.97 -25.23 -16.90
C VAL A 112 -0.38 -25.63 -16.32
N HIS A 113 -1.47 -25.11 -16.89
CA HIS A 113 -2.80 -25.49 -16.43
C HIS A 113 -3.04 -26.98 -16.60
N ALA A 114 -2.60 -27.54 -17.73
CA ALA A 114 -2.72 -28.98 -17.94
C ALA A 114 -1.91 -29.78 -16.91
N GLU A 115 -0.68 -29.33 -16.63
CA GLU A 115 0.18 -30.08 -15.73
C GLU A 115 -0.36 -30.05 -14.29
N MET A 116 -1.03 -28.97 -13.91
CA MET A 116 -1.54 -28.87 -12.54
C MET A 116 -2.51 -29.98 -12.21
N VAL A 117 -3.42 -30.29 -13.14
CA VAL A 117 -4.40 -31.35 -12.92
C VAL A 117 -3.93 -32.71 -13.41
N ASN A 118 -2.78 -32.78 -14.09
CA ASN A 118 -2.30 -34.04 -14.61
C ASN A 118 -1.87 -34.95 -13.46
N LYS A 119 -2.36 -36.19 -13.50
CA LYS A 119 -2.07 -37.16 -12.45
C LYS A 119 -0.58 -37.47 -12.39
N ASN A 120 0.06 -37.65 -13.54
CA ASN A 120 1.43 -38.13 -13.64
C ASN A 120 2.43 -37.01 -13.94
N SER A 121 2.03 -35.75 -13.81
CA SER A 121 2.92 -34.65 -14.13
C SER A 121 4.14 -34.64 -13.22
N GLU A 122 5.29 -34.28 -13.80
CA GLU A 122 6.56 -34.25 -13.09
C GLU A 122 6.82 -32.93 -12.37
N LEU A 123 5.98 -31.92 -12.57
CA LEU A 123 6.18 -30.62 -11.95
C LEU A 123 6.11 -30.74 -10.44
N LYS A 124 7.06 -30.10 -9.77
CA LYS A 124 7.13 -30.07 -8.32
C LYS A 124 7.02 -28.68 -7.73
N LEU A 125 7.52 -27.65 -8.42
CA LEU A 125 7.35 -26.28 -7.97
C LEU A 125 6.75 -25.46 -9.10
N ILE A 126 5.71 -24.70 -8.79
CA ILE A 126 5.11 -23.76 -9.73
C ILE A 126 5.18 -22.38 -9.11
N TYR A 127 5.85 -21.46 -9.79
CA TYR A 127 6.02 -20.10 -9.30
C TYR A 127 5.05 -19.19 -10.04
N VAL A 128 4.23 -18.45 -9.31
CA VAL A 128 3.32 -17.48 -9.91
C VAL A 128 3.43 -16.15 -9.18
N THR A 129 3.16 -15.08 -9.93
CA THR A 129 3.00 -13.75 -9.35
C THR A 129 1.67 -13.66 -8.61
N PRO A 130 1.56 -12.76 -7.62
CA PRO A 130 0.27 -12.59 -6.93
C PRO A 130 -0.87 -12.14 -7.84
N GLU A 131 -0.55 -11.54 -8.99
CA GLU A 131 -1.59 -11.16 -9.94
C GLU A 131 -2.34 -12.38 -10.46
N LYS A 132 -1.63 -13.48 -10.70
CA LYS A 132 -2.26 -14.72 -11.14
C LYS A 132 -3.27 -15.24 -10.12
N ILE A 133 -3.12 -14.85 -8.84
CA ILE A 133 -4.11 -15.25 -7.84
C ILE A 133 -5.28 -14.27 -7.83
N ALA A 134 -4.98 -12.97 -7.70
CA ALA A 134 -6.03 -11.97 -7.57
C ALA A 134 -6.82 -11.80 -8.85
N LYS A 135 -6.16 -11.88 -10.01
CA LYS A 135 -6.78 -11.47 -11.27
C LYS A 135 -6.69 -12.56 -12.31
N SER A 136 -6.83 -13.82 -11.92
CA SER A 136 -6.99 -14.88 -12.92
C SER A 136 -7.89 -15.95 -12.34
N LYS A 137 -9.18 -15.87 -12.68
CA LYS A 137 -10.13 -16.90 -12.27
C LYS A 137 -9.80 -18.24 -12.92
N MET A 138 -9.29 -18.22 -14.14
CA MET A 138 -8.95 -19.47 -14.82
C MET A 138 -7.86 -20.22 -14.07
N PHE A 139 -6.83 -19.51 -13.59
CA PHE A 139 -5.81 -20.16 -12.78
C PHE A 139 -6.38 -20.68 -11.46
N MET A 140 -7.28 -19.90 -10.86
CA MET A 140 -7.92 -20.35 -9.63
C MET A 140 -8.75 -21.60 -9.88
N SER A 141 -9.41 -21.69 -11.03
CA SER A 141 -10.18 -22.89 -11.34
C SER A 141 -9.28 -24.14 -11.39
N ARG A 142 -8.13 -24.04 -12.05
CA ARG A 142 -7.19 -25.14 -12.07
C ARG A 142 -6.66 -25.44 -10.68
N LEU A 143 -6.37 -24.39 -9.90
CA LEU A 143 -5.87 -24.56 -8.54
C LEU A 143 -6.88 -25.29 -7.67
N GLU A 144 -8.17 -24.95 -7.78
CA GLU A 144 -9.21 -25.64 -7.03
C GLU A 144 -9.30 -27.10 -7.42
N LYS A 145 -9.23 -27.41 -8.72
CA LYS A 145 -9.23 -28.80 -9.16
C LYS A 145 -8.01 -29.54 -8.63
N ALA A 146 -6.84 -28.89 -8.68
CA ALA A 146 -5.62 -29.52 -8.18
C ALA A 146 -5.70 -29.77 -6.68
N TYR A 147 -6.28 -28.82 -5.93
CA TYR A 147 -6.41 -28.99 -4.49
C TYR A 147 -7.31 -30.17 -4.16
N GLU A 148 -8.43 -30.31 -4.88
CA GLU A 148 -9.34 -31.42 -4.62
C GLU A 148 -8.75 -32.74 -5.07
N ALA A 149 -7.80 -32.72 -6.00
CA ALA A 149 -7.11 -33.91 -6.45
C ALA A 149 -5.89 -34.25 -5.60
N ARG A 150 -5.61 -33.43 -4.58
CA ARG A 150 -4.42 -33.57 -3.74
C ARG A 150 -3.14 -33.43 -4.57
N ARG A 151 -3.24 -32.69 -5.67
CA ARG A 151 -2.06 -32.41 -6.48
C ARG A 151 -1.06 -31.55 -5.72
N PHE A 152 -1.52 -30.55 -4.97
CA PHE A 152 -0.62 -29.70 -4.19
C PHE A 152 -1.09 -29.61 -2.75
N THR A 153 -0.15 -29.75 -1.82
CA THR A 153 -0.47 -29.75 -0.39
C THR A 153 0.28 -28.68 0.40
N ARG A 154 1.05 -27.81 -0.25
CA ARG A 154 1.67 -26.72 0.50
C ARG A 154 1.87 -25.51 -0.41
N ILE A 155 1.98 -24.35 0.23
CA ILE A 155 2.09 -23.05 -0.42
C ILE A 155 3.26 -22.30 0.21
N ALA A 156 4.09 -21.68 -0.63
CA ALA A 156 5.17 -20.83 -0.16
C ALA A 156 4.92 -19.41 -0.66
N VAL A 157 4.97 -18.44 0.25
CA VAL A 157 4.85 -17.03 -0.12
C VAL A 157 6.21 -16.41 0.14
N ASP A 158 7.01 -16.25 -0.92
CA ASP A 158 8.26 -15.53 -0.78
C ASP A 158 7.99 -14.04 -0.60
N GLU A 159 8.87 -13.38 0.17
CA GLU A 159 8.70 -11.97 0.51
C GLU A 159 7.34 -11.73 1.13
N VAL A 160 7.04 -12.52 2.18
CA VAL A 160 5.74 -12.49 2.82
C VAL A 160 5.43 -11.14 3.45
N HIS A 161 6.46 -10.35 3.76
CA HIS A 161 6.25 -9.04 4.35
C HIS A 161 5.46 -8.11 3.43
N CYS A 162 5.45 -8.37 2.12
CA CYS A 162 4.69 -7.54 1.20
C CYS A 162 3.18 -7.65 1.44
N CYS A 163 2.72 -8.72 2.09
CA CYS A 163 1.30 -8.80 2.45
C CYS A 163 0.89 -7.67 3.37
N SER A 164 1.72 -7.36 4.37
CA SER A 164 1.43 -6.25 5.27
C SER A 164 1.60 -4.93 4.54
N GLN A 165 0.73 -3.97 4.88
CA GLN A 165 0.81 -2.64 4.28
C GLN A 165 2.07 -1.90 4.72
N TRP A 166 2.60 -2.22 5.91
CA TRP A 166 3.80 -1.59 6.40
C TRP A 166 5.08 -2.17 5.82
N GLY A 167 5.02 -3.33 5.17
CA GLY A 167 6.22 -3.95 4.66
C GLY A 167 6.81 -3.20 3.49
N HIS A 168 8.11 -3.42 3.29
CA HIS A 168 8.78 -2.87 2.13
C HIS A 168 8.21 -3.50 0.86
N ASP A 169 8.10 -2.70 -0.19
CA ASP A 169 7.57 -3.15 -1.47
C ASP A 169 6.19 -3.78 -1.30
N PHE A 170 5.35 -3.14 -0.49
CA PHE A 170 3.99 -3.61 -0.31
C PHE A 170 3.25 -3.62 -1.64
N ARG A 171 2.54 -4.69 -1.91
CA ARG A 171 1.89 -4.88 -3.20
C ARG A 171 0.40 -5.08 -3.00
N PRO A 172 -0.44 -4.30 -3.69
CA PRO A 172 -1.90 -4.53 -3.61
C PRO A 172 -2.30 -5.93 -4.07
N ASP A 173 -1.50 -6.54 -4.95
CA ASP A 173 -1.76 -7.93 -5.33
C ASP A 173 -1.63 -8.85 -4.13
N TYR A 174 -0.62 -8.60 -3.29
CA TYR A 174 -0.37 -9.42 -2.12
C TYR A 174 -1.49 -9.34 -1.10
N LYS A 175 -2.34 -8.30 -1.17
CA LYS A 175 -3.47 -8.19 -0.26
C LYS A 175 -4.45 -9.33 -0.43
N ALA A 176 -4.70 -9.73 -1.68
CA ALA A 176 -5.69 -10.76 -2.01
C ALA A 176 -5.24 -12.16 -1.60
N LEU A 177 -3.99 -12.35 -1.17
CA LEU A 177 -3.43 -13.68 -0.97
C LEU A 177 -4.09 -14.43 0.19
N GLY A 178 -4.91 -13.75 0.99
CA GLY A 178 -5.67 -14.45 2.01
C GLY A 178 -6.66 -15.45 1.45
N ILE A 179 -7.01 -15.32 0.16
CA ILE A 179 -7.92 -16.26 -0.47
C ILE A 179 -7.33 -17.66 -0.43
N LEU A 180 -6.00 -17.79 -0.45
CA LEU A 180 -5.37 -19.09 -0.52
C LEU A 180 -5.78 -19.98 0.64
N LYS A 181 -5.51 -19.54 1.88
CA LYS A 181 -5.84 -20.38 3.03
C LYS A 181 -7.34 -20.55 3.20
N ARG A 182 -8.11 -19.52 2.84
CA ARG A 182 -9.58 -19.63 2.90
C ARG A 182 -10.11 -20.71 1.95
N GLN A 183 -9.56 -20.76 0.71
CA GLN A 183 -10.03 -21.72 -0.28
C GLN A 183 -9.36 -23.08 -0.17
N PHE A 184 -8.13 -23.15 0.32
CA PHE A 184 -7.39 -24.41 0.41
C PHE A 184 -6.82 -24.53 1.83
N PRO A 185 -7.68 -24.72 2.82
CA PRO A 185 -7.20 -24.85 4.20
C PRO A 185 -6.22 -25.99 4.43
N ASN A 186 -6.41 -27.12 3.73
CA ASN A 186 -5.58 -28.30 3.98
C ASN A 186 -4.15 -28.14 3.51
N ALA A 187 -3.84 -27.10 2.74
CA ALA A 187 -2.49 -26.87 2.27
C ALA A 187 -1.75 -25.99 3.27
N SER A 188 -0.64 -26.50 3.80
CA SER A 188 0.18 -25.73 4.71
C SER A 188 0.83 -24.56 3.96
N LEU A 189 1.00 -23.45 4.67
CA LEU A 189 1.55 -22.23 4.09
C LEU A 189 2.82 -21.84 4.83
N ILE A 190 3.84 -21.44 4.09
CA ILE A 190 5.11 -20.99 4.65
C ILE A 190 5.44 -19.62 4.08
N GLY A 191 5.78 -18.68 4.95
CA GLY A 191 6.16 -17.33 4.55
C GLY A 191 7.65 -17.13 4.77
N LEU A 192 8.32 -16.53 3.78
CA LEU A 192 9.75 -16.28 3.84
C LEU A 192 10.00 -14.78 3.71
N THR A 193 10.85 -14.24 4.58
CA THR A 193 11.26 -12.86 4.45
C THR A 193 12.61 -12.65 5.12
N ALA A 194 13.27 -11.56 4.73
CA ALA A 194 14.51 -11.12 5.35
C ALA A 194 14.36 -9.85 6.13
N THR A 195 13.43 -8.99 5.77
CA THR A 195 13.17 -7.78 6.53
C THR A 195 11.82 -8.01 7.18
N ALA A 196 11.83 -8.22 8.49
CA ALA A 196 10.59 -8.51 9.18
C ALA A 196 10.61 -7.93 10.59
N THR A 197 10.02 -6.75 10.76
CA THR A 197 9.60 -6.30 12.08
C THR A 197 8.39 -7.10 12.56
N ASN A 198 8.27 -7.24 13.89
CA ASN A 198 7.25 -8.12 14.45
C ASN A 198 5.84 -7.69 14.06
N HIS A 199 5.55 -6.38 14.12
CA HIS A 199 4.22 -5.92 13.73
C HIS A 199 3.95 -6.16 12.25
N VAL A 200 4.99 -6.16 11.41
CA VAL A 200 4.80 -6.53 10.01
C VAL A 200 4.38 -7.99 9.87
N LEU A 201 5.03 -8.89 10.61
CA LEU A 201 4.71 -10.31 10.49
C LEU A 201 3.28 -10.59 10.93
N THR A 202 2.84 -9.99 12.03
CA THR A 202 1.47 -10.21 12.50
C THR A 202 0.44 -9.71 11.49
N ASP A 203 0.69 -8.54 10.88
CA ASP A 203 -0.23 -8.02 9.88
C ASP A 203 -0.31 -8.94 8.67
N ALA A 204 0.84 -9.43 8.21
CA ALA A 204 0.86 -10.37 7.09
C ALA A 204 0.12 -11.66 7.42
N GLN A 205 0.28 -12.14 8.66
CA GLN A 205 -0.46 -13.30 9.13
C GLN A 205 -1.97 -13.04 9.09
N LYS A 206 -2.39 -11.83 9.48
CA LYS A 206 -3.80 -11.45 9.42
C LYS A 206 -4.31 -11.49 7.99
N ILE A 207 -3.52 -10.98 7.05
CA ILE A 207 -3.90 -10.92 5.64
C ILE A 207 -4.11 -12.33 5.10
N LEU A 208 -3.21 -13.24 5.42
CA LEU A 208 -3.26 -14.59 4.90
C LEU A 208 -4.37 -15.37 5.60
N CYS A 209 -4.52 -15.16 6.90
CA CYS A 209 -5.52 -15.72 7.83
C CYS A 209 -5.63 -17.19 7.63
N ILE A 210 -4.43 -17.56 7.90
CA ILE A 210 -3.70 -18.22 8.92
C ILE A 210 -4.03 -17.70 10.32
N GLU A 211 -4.37 -18.56 11.31
CA GLU A 211 -4.50 -18.06 12.66
C GLU A 211 -3.33 -18.26 13.60
N LYS A 212 -2.88 -19.50 13.76
CA LYS A 212 -1.71 -19.80 14.60
C LYS A 212 -0.52 -20.16 13.72
N CYS A 213 0.63 -19.54 13.98
CA CYS A 213 1.75 -19.67 13.05
C CYS A 213 3.08 -19.54 13.80
N PHE A 214 3.97 -20.50 13.60
CA PHE A 214 5.32 -20.39 14.13
C PHE A 214 6.11 -19.33 13.38
N THR A 215 6.89 -18.54 14.11
CA THR A 215 7.79 -17.56 13.50
C THR A 215 9.20 -17.82 14.02
N PHE A 216 10.10 -18.17 13.12
CA PHE A 216 11.49 -18.45 13.46
C PHE A 216 12.38 -17.36 12.88
N THR A 217 13.17 -16.71 13.73
CA THR A 217 13.98 -15.57 13.35
C THR A 217 15.45 -15.91 13.51
N ALA A 218 16.24 -15.63 12.48
CA ALA A 218 17.67 -15.90 12.53
C ALA A 218 18.36 -14.96 13.50
N SER A 219 19.41 -15.47 14.14
CA SER A 219 20.23 -14.65 15.04
C SER A 219 20.89 -13.51 14.27
N PHE A 220 20.85 -12.32 14.87
CA PHE A 220 21.34 -11.12 14.18
C PHE A 220 22.86 -11.16 14.03
N ASN A 221 23.57 -11.44 15.11
CA ASN A 221 25.02 -11.32 15.10
C ASN A 221 25.68 -12.46 14.33
N ARG A 222 26.72 -12.12 13.59
CA ARG A 222 27.53 -13.09 12.84
C ARG A 222 28.95 -13.06 13.38
N PRO A 223 29.32 -14.00 14.25
CA PRO A 223 30.61 -13.91 14.96
C PRO A 223 31.83 -13.90 14.06
N ASN A 224 31.73 -14.43 12.85
CA ASN A 224 32.87 -14.59 11.95
C ASN A 224 33.13 -13.35 11.09
N LEU A 225 32.31 -12.31 11.20
CA LEU A 225 32.38 -11.17 10.31
C LEU A 225 33.13 -10.03 10.99
N TYR A 226 34.10 -9.46 10.27
CA TYR A 226 34.88 -8.32 10.73
C TYR A 226 34.42 -7.07 10.01
N TYR A 227 34.09 -6.04 10.78
CA TYR A 227 33.48 -4.81 10.25
C TYR A 227 34.46 -3.65 10.41
N GLU A 228 34.73 -2.94 9.31
CA GLU A 228 35.68 -1.84 9.31
C GLU A 228 35.13 -0.69 8.47
N VAL A 229 35.56 0.53 8.81
CA VAL A 229 35.26 1.72 8.03
C VAL A 229 36.59 2.40 7.68
N ARG A 230 36.75 2.75 6.40
CA ARG A 230 37.95 3.41 5.90
C ARG A 230 37.58 4.68 5.15
N GLN A 231 38.49 5.65 5.21
CA GLN A 231 38.27 6.89 4.45
C GLN A 231 38.34 6.62 2.96
N LYS A 232 37.44 7.26 2.21
CA LYS A 232 37.39 7.13 0.76
C LYS A 232 38.20 8.23 0.11
N PRO A 233 39.24 7.91 -0.65
CA PRO A 233 40.07 8.97 -1.27
C PRO A 233 39.26 9.86 -2.20
N SER A 234 39.63 11.14 -2.22
CA SER A 234 38.86 12.14 -2.95
C SER A 234 38.84 11.86 -4.44
N ASN A 235 39.92 11.30 -4.99
CA ASN A 235 39.95 10.93 -6.39
C ASN A 235 39.42 9.51 -6.58
N THR A 236 39.00 9.21 -7.81
CA THR A 236 38.43 7.90 -8.12
C THR A 236 39.48 6.90 -8.61
N GLU A 237 40.73 7.30 -8.79
CA GLU A 237 41.73 6.40 -9.36
C GLU A 237 42.66 5.80 -8.33
N ASP A 238 43.12 6.60 -7.36
CA ASP A 238 43.87 6.01 -6.26
C ASP A 238 43.00 5.07 -5.45
N PHE A 239 41.69 5.29 -5.46
CA PHE A 239 40.77 4.42 -4.75
C PHE A 239 40.83 2.99 -5.30
N ILE A 240 40.71 2.84 -6.62
CA ILE A 240 40.75 1.52 -7.21
C ILE A 240 42.14 0.92 -7.05
N GLU A 241 43.18 1.76 -7.15
CA GLU A 241 44.54 1.30 -6.89
C GLU A 241 44.68 0.82 -5.46
N ASP A 242 44.07 1.53 -4.51
CA ASP A 242 44.04 1.06 -3.12
C ASP A 242 43.30 -0.26 -2.99
N ILE A 243 42.17 -0.39 -3.70
CA ILE A 243 41.40 -1.64 -3.62
C ILE A 243 42.21 -2.81 -4.15
N VAL A 244 42.92 -2.62 -5.26
CA VAL A 244 43.75 -3.69 -5.81
C VAL A 244 44.87 -4.06 -4.82
N LYS A 245 45.43 -3.06 -4.11
CA LYS A 245 46.42 -3.37 -3.08
C LYS A 245 45.81 -4.23 -1.99
N LEU A 246 44.58 -3.91 -1.57
CA LEU A 246 43.91 -4.71 -0.56
C LEU A 246 43.66 -6.13 -1.06
N ILE A 247 43.18 -6.25 -2.30
CA ILE A 247 42.81 -7.57 -2.81
C ILE A 247 44.04 -8.43 -2.97
N ASN A 248 45.09 -7.92 -3.62
CA ASN A 248 46.30 -8.72 -3.74
C ASN A 248 47.02 -8.88 -2.40
N GLY A 249 47.08 -7.82 -1.59
CA GLY A 249 47.85 -7.94 -0.36
C GLY A 249 47.21 -8.72 0.78
N ARG A 250 45.89 -8.88 0.79
CA ARG A 250 45.31 -9.64 1.89
C ARG A 250 44.39 -10.79 1.49
N TYR A 251 43.73 -10.66 0.35
CA TYR A 251 42.78 -11.65 -0.12
C TYR A 251 43.21 -12.23 -1.45
N LYS A 252 44.51 -12.48 -1.61
CA LYS A 252 45.05 -12.94 -2.88
C LYS A 252 44.40 -14.27 -3.27
N GLY A 253 43.65 -14.27 -4.37
CA GLY A 253 43.00 -15.48 -4.86
C GLY A 253 41.69 -15.82 -4.20
N GLN A 254 41.19 -15.00 -3.29
CA GLN A 254 39.97 -15.27 -2.55
C GLN A 254 38.80 -14.52 -3.18
N SER A 255 37.62 -15.13 -3.11
CA SER A 255 36.41 -14.52 -3.65
C SER A 255 35.97 -13.34 -2.79
N GLY A 256 35.24 -12.42 -3.41
CA GLY A 256 34.74 -11.25 -2.70
C GLY A 256 33.72 -10.49 -3.53
N ILE A 257 33.06 -9.54 -2.86
CA ILE A 257 31.99 -8.74 -3.46
C ILE A 257 32.31 -7.27 -3.24
N ILE A 258 32.14 -6.47 -4.30
CA ILE A 258 32.25 -5.03 -4.22
C ILE A 258 30.89 -4.43 -4.52
N TYR A 259 30.41 -3.56 -3.63
CA TYR A 259 29.10 -2.94 -3.74
C TYR A 259 29.25 -1.49 -4.18
N CYS A 260 28.46 -1.08 -5.17
CA CYS A 260 28.55 0.24 -5.77
C CYS A 260 27.19 0.92 -5.74
N PHE A 261 27.23 2.24 -5.72
CA PHE A 261 26.01 3.04 -5.63
C PHE A 261 25.10 2.84 -6.83
N SER A 262 25.66 2.77 -8.02
CA SER A 262 24.90 2.81 -9.27
C SER A 262 25.37 1.70 -10.21
N GLN A 263 24.49 1.35 -11.16
CA GLN A 263 24.82 0.31 -12.12
C GLN A 263 26.03 0.67 -12.96
N LYS A 264 26.12 1.92 -13.40
CA LYS A 264 27.28 2.33 -14.18
C LYS A 264 28.55 2.34 -13.33
N ASP A 265 28.43 2.61 -12.04
CA ASP A 265 29.59 2.52 -11.16
C ASP A 265 30.15 1.10 -11.14
N SER A 266 29.26 0.09 -11.08
CA SER A 266 29.74 -1.29 -11.06
C SER A 266 30.47 -1.63 -12.36
N GLU A 267 29.93 -1.20 -13.50
CA GLU A 267 30.62 -1.42 -14.76
C GLU A 267 31.94 -0.68 -14.82
N GLN A 268 31.96 0.58 -14.34
CA GLN A 268 33.20 1.36 -14.36
C GLN A 268 34.26 0.76 -13.44
N VAL A 269 33.86 0.33 -12.24
CA VAL A 269 34.81 -0.30 -11.33
C VAL A 269 35.27 -1.64 -11.88
N THR A 270 34.37 -2.39 -12.53
CA THR A 270 34.75 -3.70 -13.05
C THR A 270 35.86 -3.57 -14.10
N VAL A 271 35.76 -2.59 -14.99
CA VAL A 271 36.79 -2.37 -16.01
C VAL A 271 38.11 -2.00 -15.36
N SER A 272 38.08 -1.12 -14.35
CA SER A 272 39.29 -0.65 -13.69
C SER A 272 40.04 -1.81 -13.02
N LEU A 273 39.29 -2.69 -12.34
CA LEU A 273 39.89 -3.86 -11.73
C LEU A 273 40.50 -4.77 -12.78
N GLN A 274 39.80 -4.98 -13.90
CA GLN A 274 40.30 -5.87 -14.94
C GLN A 274 41.61 -5.36 -15.53
N ASN A 275 41.70 -4.06 -15.78
CA ASN A 275 42.93 -3.50 -16.36
C ASN A 275 44.11 -3.61 -15.41
N LEU A 276 43.85 -3.78 -14.11
CA LEU A 276 44.89 -3.96 -13.11
C LEU A 276 45.13 -5.43 -12.78
N GLY A 277 44.53 -6.35 -13.54
CA GLY A 277 44.75 -7.77 -13.38
C GLY A 277 43.81 -8.48 -12.45
N ILE A 278 42.91 -7.77 -11.77
CA ILE A 278 41.90 -8.42 -10.94
C ILE A 278 40.81 -8.97 -11.85
N HIS A 279 40.51 -10.26 -11.70
CA HIS A 279 39.44 -10.90 -12.46
C HIS A 279 38.11 -10.50 -11.84
N ALA A 280 37.31 -9.73 -12.58
CA ALA A 280 36.11 -9.12 -12.03
C ALA A 280 34.98 -9.15 -13.04
N GLY A 281 33.76 -9.13 -12.53
CA GLY A 281 32.58 -9.07 -13.37
C GLY A 281 31.43 -8.32 -12.71
N ALA A 282 30.85 -7.36 -13.42
CA ALA A 282 29.70 -6.65 -12.89
C ALA A 282 28.48 -7.55 -12.83
N TYR A 283 27.67 -7.40 -11.78
CA TYR A 283 26.41 -8.10 -11.65
C TYR A 283 25.33 -7.15 -11.15
N HIS A 284 24.15 -7.21 -11.78
CA HIS A 284 22.97 -6.54 -11.25
C HIS A 284 21.73 -7.19 -11.84
N ALA A 285 20.58 -6.94 -11.20
CA ALA A 285 19.33 -7.54 -11.65
C ALA A 285 18.91 -7.06 -13.03
N ASN A 286 19.48 -5.94 -13.50
CA ASN A 286 19.25 -5.49 -14.87
C ASN A 286 19.88 -6.40 -15.92
N LEU A 287 20.74 -7.33 -15.51
CA LEU A 287 21.37 -8.26 -16.44
C LEU A 287 20.36 -9.18 -17.10
N GLU A 288 20.61 -9.51 -18.36
CA GLU A 288 19.85 -10.53 -19.05
C GLU A 288 20.18 -11.90 -18.45
N PRO A 289 19.26 -12.87 -18.56
CA PRO A 289 19.50 -14.17 -17.92
C PRO A 289 20.77 -14.85 -18.38
N GLU A 290 21.13 -14.70 -19.66
CA GLU A 290 22.39 -15.28 -20.13
C GLU A 290 23.59 -14.66 -19.43
N ASP A 291 23.58 -13.32 -19.27
CA ASP A 291 24.67 -12.67 -18.54
C ASP A 291 24.72 -13.13 -17.08
N LYS A 292 23.56 -13.27 -16.43
CA LYS A 292 23.56 -13.74 -15.05
C LYS A 292 24.16 -15.13 -14.94
N THR A 293 23.81 -16.03 -15.87
CA THR A 293 24.33 -17.39 -15.84
C THR A 293 25.84 -17.41 -16.01
N THR A 294 26.35 -16.63 -16.97
CA THR A 294 27.77 -16.62 -17.24
C THR A 294 28.57 -16.08 -16.05
N VAL A 295 28.11 -14.97 -15.46
CA VAL A 295 28.81 -14.42 -14.30
C VAL A 295 28.76 -15.39 -13.13
N HIS A 296 27.58 -15.97 -12.87
CA HIS A 296 27.46 -16.94 -11.79
C HIS A 296 28.32 -18.18 -12.06
N ARG A 297 28.31 -18.68 -13.30
CA ARG A 297 29.13 -19.84 -13.63
C ARG A 297 30.62 -19.54 -13.47
N LYS A 298 31.06 -18.39 -13.95
CA LYS A 298 32.48 -18.02 -13.85
C LYS A 298 32.89 -17.82 -12.39
N TRP A 299 32.05 -17.16 -11.60
CA TRP A 299 32.37 -16.87 -10.21
C TRP A 299 32.49 -18.15 -9.38
N SER A 300 31.57 -19.08 -9.60
CA SER A 300 31.57 -20.32 -8.83
C SER A 300 32.83 -21.12 -9.10
N ALA A 301 33.30 -21.13 -10.35
CA ALA A 301 34.52 -21.83 -10.72
C ALA A 301 35.76 -21.00 -10.44
N ASN A 302 35.61 -19.77 -9.92
CA ASN A 302 36.70 -18.87 -9.59
C ASN A 302 37.47 -18.40 -10.82
N GLU A 303 36.83 -18.47 -11.98
CA GLU A 303 37.34 -17.78 -13.15
C GLU A 303 37.24 -16.26 -12.96
N ILE A 304 36.29 -15.81 -12.15
CA ILE A 304 36.14 -14.41 -11.77
C ILE A 304 36.35 -14.32 -10.26
N GLN A 305 37.34 -13.53 -9.84
CA GLN A 305 37.65 -13.39 -8.43
C GLN A 305 36.62 -12.53 -7.71
N VAL A 306 36.22 -11.42 -8.32
CA VAL A 306 35.47 -10.36 -7.65
C VAL A 306 34.20 -10.06 -8.45
N VAL A 307 33.08 -9.99 -7.75
CA VAL A 307 31.81 -9.60 -8.35
C VAL A 307 31.49 -8.19 -7.89
N VAL A 308 31.26 -7.30 -8.86
CA VAL A 308 30.97 -5.90 -8.56
C VAL A 308 29.47 -5.71 -8.74
N ALA A 309 28.76 -5.61 -7.63
CA ALA A 309 27.32 -5.57 -7.61
C ALA A 309 26.82 -4.20 -7.21
N THR A 310 25.57 -3.93 -7.54
CA THR A 310 24.97 -2.65 -7.24
C THR A 310 24.17 -2.77 -5.95
N VAL A 311 24.27 -1.75 -5.10
CA VAL A 311 23.55 -1.79 -3.85
C VAL A 311 22.04 -1.84 -4.12
N ALA A 312 21.58 -1.10 -5.15
CA ALA A 312 20.14 -0.84 -5.26
C ALA A 312 19.26 -2.09 -5.36
N PHE A 313 19.52 -2.98 -6.33
CA PHE A 313 19.09 -4.38 -6.21
C PHE A 313 19.99 -5.24 -7.09
N GLY A 314 20.85 -6.04 -6.43
CA GLY A 314 21.84 -6.93 -7.00
C GLY A 314 21.94 -8.39 -6.58
N MET A 315 20.90 -9.16 -6.26
CA MET A 315 21.01 -10.04 -5.08
C MET A 315 20.92 -11.52 -5.45
N GLY A 316 21.55 -11.92 -6.54
CA GLY A 316 21.68 -13.32 -6.89
C GLY A 316 23.06 -13.85 -6.54
N ILE A 317 23.76 -13.14 -5.65
CA ILE A 317 25.15 -13.45 -5.33
C ILE A 317 25.15 -14.47 -4.19
N ASP A 318 25.07 -15.74 -4.55
CA ASP A 318 25.11 -16.83 -3.58
C ASP A 318 26.44 -17.55 -3.72
N LYS A 319 27.36 -17.34 -2.78
CA LYS A 319 28.53 -18.21 -2.75
C LYS A 319 28.98 -18.38 -1.30
N PRO A 320 29.10 -19.62 -0.81
CA PRO A 320 29.50 -19.79 0.60
C PRO A 320 30.84 -19.21 1.04
N ASP A 321 31.89 -19.26 0.23
CA ASP A 321 33.18 -18.68 0.63
C ASP A 321 33.41 -17.25 0.14
N VAL A 322 32.63 -16.25 0.57
CA VAL A 322 32.98 -14.86 0.26
C VAL A 322 33.88 -14.33 1.36
N ARG A 323 35.19 -14.24 1.11
CA ARG A 323 36.10 -13.82 2.18
C ARG A 323 36.04 -12.33 2.49
N PHE A 324 35.67 -11.48 1.54
CA PHE A 324 35.63 -10.05 1.81
C PHE A 324 34.45 -9.39 1.09
N VAL A 325 33.93 -8.33 1.70
CA VAL A 325 32.93 -7.46 1.07
C VAL A 325 33.41 -6.03 1.21
N ILE A 326 33.52 -5.33 0.08
CA ILE A 326 34.01 -3.96 0.04
C ILE A 326 32.92 -3.07 -0.51
N HIS A 327 32.58 -2.02 0.22
CA HIS A 327 31.59 -1.05 -0.23
C HIS A 327 32.33 0.10 -0.92
N HIS A 328 32.19 0.18 -2.24
CA HIS A 328 32.77 1.28 -3.00
C HIS A 328 32.13 2.60 -2.58
N SER A 329 30.86 2.56 -2.21
CA SER A 329 30.17 3.69 -1.61
C SER A 329 29.37 3.17 -0.43
N MET A 330 29.12 4.06 0.52
CA MET A 330 28.41 3.68 1.74
C MET A 330 26.98 3.27 1.40
N SER A 331 26.44 2.35 2.19
CA SER A 331 25.10 1.84 1.93
C SER A 331 24.07 2.93 2.12
N LYS A 332 22.92 2.75 1.48
CA LYS A 332 21.84 3.71 1.60
C LYS A 332 21.37 3.82 3.05
N SER A 333 21.27 2.69 3.74
CA SER A 333 20.76 2.65 5.10
C SER A 333 21.51 1.57 5.87
N MET A 334 21.46 1.68 7.20
CA MET A 334 22.03 0.63 8.03
C MET A 334 21.33 -0.70 7.79
N GLU A 335 20.01 -0.67 7.55
CA GLU A 335 19.30 -1.91 7.26
C GLU A 335 19.83 -2.57 6.00
N ASN A 336 20.08 -1.78 4.95
CA ASN A 336 20.69 -2.31 3.74
C ASN A 336 22.11 -2.81 3.99
N TYR A 337 22.88 -2.09 4.81
CA TYR A 337 24.28 -2.47 5.00
C TYR A 337 24.40 -3.85 5.64
N TYR A 338 23.55 -4.16 6.62
CA TYR A 338 23.61 -5.49 7.23
C TYR A 338 23.33 -6.58 6.20
N GLN A 339 22.32 -6.37 5.34
CA GLN A 339 22.02 -7.34 4.29
C GLN A 339 23.18 -7.49 3.31
N GLU A 340 23.77 -6.37 2.87
CA GLU A 340 24.83 -6.42 1.88
C GLU A 340 26.11 -6.99 2.45
N SER A 341 26.48 -6.59 3.66
CA SER A 341 27.70 -7.08 4.28
C SER A 341 27.56 -8.54 4.70
N GLY A 342 26.34 -9.04 4.86
CA GLY A 342 26.07 -10.37 5.34
C GLY A 342 26.18 -11.44 4.31
N ARG A 343 26.45 -11.07 3.05
CA ARG A 343 26.78 -12.07 2.04
C ARG A 343 28.07 -12.81 2.37
N ALA A 344 29.04 -12.11 2.95
CA ALA A 344 30.33 -12.70 3.27
C ALA A 344 30.21 -13.76 4.37
N GLY A 345 31.12 -14.74 4.32
CA GLY A 345 31.29 -15.71 5.39
C GLY A 345 30.09 -16.60 5.67
N ARG A 346 29.42 -17.07 4.61
CA ARG A 346 28.33 -18.02 4.81
C ARG A 346 28.84 -19.43 5.09
N ASP A 347 30.14 -19.67 4.95
CA ASP A 347 30.76 -20.92 5.37
C ASP A 347 31.12 -20.91 6.84
N ASP A 348 30.87 -19.80 7.54
CA ASP A 348 31.12 -19.53 8.95
C ASP A 348 32.59 -19.23 9.24
N MET A 349 33.47 -19.26 8.24
CA MET A 349 34.85 -18.85 8.42
C MET A 349 34.96 -17.33 8.46
N LYS A 350 36.09 -16.85 8.97
CA LYS A 350 36.30 -15.42 9.15
C LYS A 350 36.24 -14.70 7.81
N ALA A 351 35.56 -13.56 7.81
CA ALA A 351 35.45 -12.72 6.63
C ALA A 351 35.50 -11.26 7.03
N ASP A 352 35.90 -10.42 6.08
CA ASP A 352 36.09 -8.98 6.31
C ASP A 352 35.04 -8.18 5.55
N CYS A 353 34.51 -7.13 6.19
CA CYS A 353 33.58 -6.21 5.56
C CYS A 353 34.14 -4.81 5.71
N ILE A 354 34.60 -4.24 4.61
CA ILE A 354 35.25 -2.94 4.59
C ILE A 354 34.30 -1.95 3.94
N LEU A 355 34.00 -0.87 4.65
CA LEU A 355 33.15 0.19 4.11
C LEU A 355 34.02 1.43 3.89
N TYR A 356 33.96 1.96 2.67
CA TYR A 356 34.72 3.16 2.31
C TYR A 356 33.79 4.37 2.44
N TYR A 357 34.12 5.25 3.38
CA TYR A 357 33.26 6.39 3.70
C TYR A 357 33.78 7.63 2.99
N GLY A 358 32.94 8.23 2.19
CA GLY A 358 33.31 9.42 1.42
C GLY A 358 32.32 10.53 1.62
N PHE A 359 32.85 11.75 1.75
CA PHE A 359 32.00 12.92 1.99
C PHE A 359 31.04 13.16 0.84
N GLY A 360 31.53 13.01 -0.39
CA GLY A 360 30.67 13.21 -1.55
C GLY A 360 29.52 12.24 -1.61
N ASP A 361 29.73 10.99 -1.18
CA ASP A 361 28.68 10.00 -1.26
C ASP A 361 27.46 10.39 -0.44
N ILE A 362 27.64 11.19 0.61
CA ILE A 362 26.50 11.53 1.48
C ILE A 362 25.42 12.25 0.69
N PHE A 363 25.82 13.25 -0.09
CA PHE A 363 24.88 14.06 -0.85
C PHE A 363 24.37 13.35 -2.09
N ARG A 364 25.21 12.51 -2.70
CA ARG A 364 24.79 11.74 -3.86
C ARG A 364 23.65 10.79 -3.47
N ILE A 365 23.78 10.14 -2.31
CA ILE A 365 22.71 9.29 -1.80
C ILE A 365 21.51 10.12 -1.38
N SER A 366 21.74 11.29 -0.75
CA SER A 366 20.64 12.09 -0.21
C SER A 366 19.66 12.52 -1.30
N SER A 367 20.18 12.96 -2.44
CA SER A 367 19.35 13.41 -3.56
C SER A 367 18.48 12.27 -4.08
N MET A 368 19.06 11.07 -4.17
CA MET A 368 18.35 9.89 -4.68
C MET A 368 17.17 9.54 -3.78
N VAL A 369 17.34 9.64 -2.47
CA VAL A 369 16.40 9.13 -1.48
C VAL A 369 15.51 10.25 -0.97
N VAL A 370 15.45 11.36 -1.71
CA VAL A 370 14.70 12.54 -1.28
C VAL A 370 13.22 12.20 -1.22
N MET A 371 12.70 11.46 -2.20
CA MET A 371 11.29 11.08 -2.18
C MET A 371 10.94 10.15 -1.02
N GLU A 372 11.86 9.26 -0.63
CA GLU A 372 11.61 8.39 0.52
C GLU A 372 11.38 9.21 1.79
N ASN A 373 10.35 8.82 2.55
CA ASN A 373 9.94 9.62 3.70
C ASN A 373 11.05 9.70 4.75
N VAL A 374 11.70 8.59 5.03
CA VAL A 374 12.77 8.55 6.02
C VAL A 374 14.12 8.32 5.36
N GLY A 375 14.22 8.57 4.06
CA GLY A 375 15.46 8.27 3.35
C GLY A 375 16.63 9.06 3.89
N GLN A 376 16.45 10.37 4.13
CA GLN A 376 17.53 11.15 4.71
C GLN A 376 17.88 10.67 6.12
N GLN A 377 16.87 10.38 6.93
CA GLN A 377 17.14 9.95 8.31
C GLN A 377 17.91 8.64 8.35
N LYS A 378 17.53 7.67 7.52
CA LYS A 378 18.25 6.40 7.47
C LYS A 378 19.67 6.60 7.01
N LEU A 379 19.87 7.46 6.00
CA LEU A 379 21.22 7.78 5.53
C LEU A 379 22.06 8.45 6.61
N TYR A 380 21.48 9.40 7.35
CA TYR A 380 22.24 10.10 8.36
C TYR A 380 22.67 9.17 9.49
N GLU A 381 21.85 8.16 9.80
CA GLU A 381 22.27 7.12 10.74
C GLU A 381 23.50 6.39 10.21
N MET A 382 23.51 6.11 8.90
CA MET A 382 24.69 5.49 8.29
C MET A 382 25.90 6.41 8.39
N VAL A 383 25.69 7.71 8.20
CA VAL A 383 26.80 8.66 8.34
C VAL A 383 27.36 8.61 9.75
N SER A 384 26.49 8.55 10.76
CA SER A 384 26.95 8.51 12.14
C SER A 384 27.80 7.27 12.40
N TYR A 385 27.42 6.14 11.82
CA TYR A 385 28.21 4.92 11.97
C TYR A 385 29.60 5.08 11.40
N CYS A 386 29.72 5.71 10.24
CA CYS A 386 31.03 5.97 9.65
C CYS A 386 31.84 6.94 10.51
N GLN A 387 31.18 7.96 11.07
CA GLN A 387 31.88 8.97 11.86
C GLN A 387 32.53 8.35 13.10
N ASN A 388 31.82 7.45 13.77
CA ASN A 388 32.30 6.92 15.05
C ASN A 388 33.66 6.27 14.88
N ILE A 389 34.55 6.53 15.83
CA ILE A 389 35.89 5.96 15.81
C ILE A 389 36.23 5.17 17.07
N SER A 390 35.33 5.11 18.05
CA SER A 390 35.62 4.32 19.25
C SER A 390 34.67 3.17 19.53
N LYS A 391 33.36 3.37 19.34
CA LYS A 391 32.38 2.35 19.69
C LYS A 391 32.54 1.10 18.83
N CYS A 392 32.28 -0.04 19.45
CA CYS A 392 32.26 -1.29 18.69
C CYS A 392 31.19 -1.24 17.62
N ARG A 393 31.53 -1.75 16.43
CA ARG A 393 30.62 -1.72 15.29
C ARG A 393 29.34 -2.51 15.58
N ARG A 394 29.48 -3.65 16.25
CA ARG A 394 28.31 -4.47 16.59
C ARG A 394 27.34 -3.71 17.49
N VAL A 395 27.85 -2.99 18.49
CA VAL A 395 26.98 -2.18 19.34
C VAL A 395 26.31 -1.08 18.51
N LEU A 396 27.06 -0.42 17.64
CA LEU A 396 26.48 0.62 16.79
C LEU A 396 25.43 0.02 15.86
N MET A 397 25.75 -1.12 15.24
CA MET A 397 24.80 -1.78 14.35
C MET A 397 23.55 -2.22 15.11
N ALA A 398 23.72 -2.78 16.31
CA ALA A 398 22.58 -3.26 17.08
C ALA A 398 21.64 -2.11 17.46
N GLN A 399 22.21 -0.96 17.84
CA GLN A 399 21.40 0.17 18.27
C GLN A 399 20.47 0.68 17.19
N HIS A 400 20.77 0.41 15.92
CA HIS A 400 19.87 0.83 14.84
C HIS A 400 18.68 -0.09 14.66
N PHE A 401 18.67 -1.25 15.31
CA PHE A 401 17.57 -2.20 15.22
C PHE A 401 17.00 -2.41 16.62
N ASP A 402 15.88 -1.75 16.89
CA ASP A 402 15.21 -1.95 18.18
C ASP A 402 14.62 -3.33 18.32
N GLU A 403 14.48 -4.06 17.22
CA GLU A 403 13.90 -5.39 17.24
C GLU A 403 14.85 -6.45 17.77
N VAL A 404 16.15 -6.16 17.86
CA VAL A 404 17.13 -7.14 18.30
C VAL A 404 17.95 -6.57 19.45
N TRP A 405 18.14 -7.38 20.49
CA TRP A 405 19.12 -7.13 21.53
C TRP A 405 20.27 -8.11 21.33
N ASN A 406 21.47 -7.58 21.10
CA ASN A 406 22.66 -8.39 20.84
C ASN A 406 23.69 -8.09 21.93
N SER A 407 23.87 -9.04 22.83
CA SER A 407 24.86 -8.94 23.89
C SER A 407 26.17 -9.68 23.59
N GLU A 408 26.29 -10.28 22.41
CA GLU A 408 27.46 -11.10 22.09
C GLU A 408 28.73 -10.25 21.99
N ALA A 409 29.83 -10.78 22.53
CA ALA A 409 31.10 -10.06 22.52
C ALA A 409 31.66 -9.96 21.11
N CYS A 410 32.31 -8.82 20.83
CA CYS A 410 32.93 -8.62 19.51
C CYS A 410 34.09 -9.56 19.27
N ASN A 411 34.89 -9.85 20.29
CA ASN A 411 36.09 -10.69 20.17
C ASN A 411 37.08 -10.10 19.14
N LYS A 412 37.32 -8.79 19.24
CA LYS A 412 38.29 -8.09 18.39
C LYS A 412 37.98 -8.25 16.91
N MET A 413 36.70 -8.17 16.54
CA MET A 413 36.26 -8.39 15.17
C MET A 413 35.72 -7.12 14.52
N CYS A 414 36.23 -5.96 14.91
CA CYS A 414 35.89 -4.69 14.27
C CYS A 414 37.07 -3.73 14.46
N ASP A 415 37.11 -2.72 13.59
CA ASP A 415 38.24 -1.79 13.56
C ASP A 415 38.36 -1.02 14.87
N ASN A 416 37.24 -0.56 15.42
CA ASN A 416 37.26 0.21 16.67
C ASN A 416 37.64 -0.67 17.88
N CYS A 417 37.14 -1.92 17.97
CA CYS A 417 37.44 -2.83 19.10
C CYS A 417 38.93 -3.22 19.24
N CYS A 418 39.57 -3.46 18.11
CA CYS A 418 40.95 -3.60 17.63
C CYS A 418 41.61 -2.23 17.72
N LYS A 419 42.88 -1.97 17.43
CA LYS A 419 43.43 -0.65 17.78
C LYS A 419 43.60 0.21 19.07
N ASP A 420 44.37 -0.18 20.07
CA ASP A 420 44.19 0.55 21.31
C ASP A 420 44.82 1.96 21.24
N SER A 421 43.92 2.90 21.54
CA SER A 421 43.95 4.33 21.22
C SER A 421 43.18 5.11 22.27
N ALA A 422 43.43 6.45 22.32
CA ALA A 422 42.80 7.36 23.28
C ALA A 422 42.22 8.55 22.54
N PHE A 423 41.08 9.07 23.02
CA PHE A 423 40.36 10.11 22.28
C PHE A 423 40.10 11.30 23.19
N GLU A 424 40.07 12.48 22.59
CA GLU A 424 39.71 13.73 23.25
C GLU A 424 38.37 14.22 22.72
N ARG A 425 37.90 15.34 23.26
CA ARG A 425 36.73 16.03 22.72
C ARG A 425 37.21 17.39 22.19
N LYS A 426 37.64 17.42 20.92
CA LYS A 426 38.08 18.66 20.29
C LYS A 426 36.94 19.66 20.21
N ASN A 427 37.20 20.92 20.55
CA ASN A 427 36.15 21.90 20.39
C ASN A 427 36.11 22.34 18.93
N ILE A 428 34.91 22.41 18.36
CA ILE A 428 34.71 22.95 17.01
C ILE A 428 33.65 24.05 16.94
N THR A 429 33.36 24.73 18.05
CA THR A 429 32.36 25.79 18.04
C THR A 429 32.76 26.92 17.11
N GLU A 430 34.05 27.27 17.13
CA GLU A 430 34.56 28.35 16.30
C GLU A 430 34.41 28.00 14.83
N TYR A 431 34.67 26.75 14.45
CA TYR A 431 34.53 26.35 13.06
C TYR A 431 33.09 26.48 12.60
N CYS A 432 32.14 26.08 13.46
CA CYS A 432 30.74 26.19 13.07
C CYS A 432 30.33 27.63 12.84
N ARG A 433 30.75 28.55 13.71
CA ARG A 433 30.42 29.96 13.52
C ARG A 433 31.01 30.53 12.23
N ASP A 434 32.25 30.13 11.91
CA ASP A 434 32.86 30.60 10.67
C ASP A 434 32.07 30.15 9.45
N LEU A 435 31.62 28.89 9.43
CA LEU A 435 30.80 28.41 8.32
C LEU A 435 29.47 29.14 8.23
N ILE A 436 28.91 29.53 9.38
CA ILE A 436 27.66 30.30 9.38
C ILE A 436 27.86 31.64 8.67
N LYS A 437 29.00 32.30 8.93
CA LYS A 437 29.27 33.58 8.29
C LYS A 437 29.32 33.44 6.77
N ILE A 438 29.93 32.37 6.28
CA ILE A 438 29.96 32.12 4.84
C ILE A 438 28.54 31.92 4.31
N LEU A 439 27.75 31.11 5.01
CA LEU A 439 26.39 30.84 4.59
C LEU A 439 25.52 32.09 4.62
N LYS A 440 25.62 32.90 5.69
CA LYS A 440 24.77 34.08 5.79
C LYS A 440 25.04 35.06 4.66
N GLN A 441 26.31 35.23 4.29
CA GLN A 441 26.63 36.09 3.15
C GLN A 441 25.99 35.57 1.87
N ALA A 442 26.00 34.24 1.69
CA ALA A 442 25.37 33.67 0.50
C ALA A 442 23.87 33.97 0.45
N GLU A 443 23.17 33.89 1.59
CA GLU A 443 21.74 34.17 1.58
C GLU A 443 21.45 35.60 1.14
N GLU A 444 22.23 36.56 1.64
CA GLU A 444 22.06 37.95 1.19
C GLU A 444 22.49 38.13 -0.26
N LEU A 445 23.46 37.33 -0.72
CA LEU A 445 23.90 37.37 -2.11
C LEU A 445 23.01 36.56 -3.04
N ASN A 446 21.98 35.91 -2.49
CA ASN A 446 21.01 35.14 -3.28
C ASN A 446 21.70 34.06 -4.10
N GLU A 447 22.69 33.40 -3.50
CA GLU A 447 23.36 32.28 -4.13
C GLU A 447 23.34 31.08 -3.20
N LYS A 448 23.23 29.88 -3.77
CA LYS A 448 23.18 28.64 -3.03
C LYS A 448 24.56 28.00 -3.03
N LEU A 449 25.00 27.51 -1.87
CA LEU A 449 26.28 26.86 -1.75
C LEU A 449 26.10 25.34 -1.74
N THR A 450 26.75 24.67 -2.68
CA THR A 450 26.92 23.23 -2.58
C THR A 450 27.92 22.93 -1.46
N PRO A 451 27.88 21.73 -0.89
CA PRO A 451 28.88 21.39 0.12
C PRO A 451 30.29 21.53 -0.41
N LEU A 452 30.51 21.23 -1.69
CA LEU A 452 31.83 21.44 -2.29
C LEU A 452 32.19 22.91 -2.30
N LYS A 453 31.25 23.78 -2.67
CA LYS A 453 31.53 25.22 -2.70
C LYS A 453 31.75 25.78 -1.30
N LEU A 454 30.94 25.33 -0.33
CA LEU A 454 31.06 25.84 1.03
C LEU A 454 32.43 25.50 1.62
N ILE A 455 32.90 24.27 1.41
CA ILE A 455 34.23 23.88 1.89
C ILE A 455 35.31 24.70 1.19
N ASP A 456 35.11 25.03 -0.09
CA ASP A 456 36.10 25.83 -0.83
C ASP A 456 36.26 27.21 -0.21
N SER A 457 35.15 27.86 0.17
CA SER A 457 35.23 29.16 0.81
C SER A 457 35.96 29.07 2.14
N TRP A 458 35.72 28.00 2.89
CA TRP A 458 36.35 27.81 4.20
C TRP A 458 37.86 27.76 4.08
N MET A 459 38.39 27.06 3.09
CA MET A 459 39.82 26.84 2.92
C MET A 459 40.50 27.96 2.14
N GLY A 460 39.75 28.95 1.68
CA GLY A 460 40.31 29.99 0.81
C GLY A 460 40.35 29.65 -0.66
N LYS A 461 39.72 28.55 -1.07
CA LYS A 461 39.60 28.21 -2.48
C LYS A 461 38.29 28.75 -3.04
N GLY A 462 38.02 28.42 -4.31
CA GLY A 462 36.78 28.75 -4.95
C GLY A 462 36.72 30.21 -5.38
N ALA A 463 35.54 30.60 -5.84
CA ALA A 463 35.33 31.99 -6.25
C ALA A 463 35.54 32.92 -5.06
N ALA A 464 36.31 33.99 -5.28
CA ALA A 464 36.46 34.95 -4.20
C ALA A 464 35.17 35.69 -3.87
N LYS A 465 34.21 35.70 -4.77
CA LYS A 465 32.97 36.38 -4.43
C LYS A 465 32.22 35.76 -3.25
N LEU A 466 32.38 34.46 -3.02
CA LEU A 466 31.84 33.78 -1.82
C LEU A 466 32.87 33.67 -0.68
N ARG A 467 33.33 34.77 -0.10
CA ARG A 467 34.37 34.71 0.91
C ARG A 467 34.01 35.60 2.09
N VAL A 468 34.55 35.28 3.25
CA VAL A 468 34.54 36.19 4.39
C VAL A 468 35.99 36.53 4.72
N ALA A 469 36.28 37.83 4.79
CA ALA A 469 37.65 38.27 5.02
C ALA A 469 38.18 37.80 6.37
N GLY A 470 37.32 37.71 7.37
CA GLY A 470 37.75 37.37 8.71
C GLY A 470 37.92 35.90 8.98
N VAL A 471 37.53 35.02 8.06
CA VAL A 471 37.54 33.58 8.32
C VAL A 471 38.90 33.04 7.93
N VAL A 472 39.64 32.55 8.91
CA VAL A 472 40.99 32.03 8.69
C VAL A 472 40.90 30.60 8.17
N ALA A 473 41.93 30.18 7.45
CA ALA A 473 42.00 28.83 6.94
C ALA A 473 42.07 27.84 8.10
N PRO A 474 41.36 26.72 8.01
CA PRO A 474 41.33 25.76 9.13
C PRO A 474 42.68 25.14 9.47
N THR A 475 43.63 25.14 8.53
CA THR A 475 44.96 24.52 8.67
C THR A 475 44.86 23.06 9.12
N LEU A 476 43.91 22.35 8.53
CA LEU A 476 43.65 20.94 8.74
C LEU A 476 43.49 20.26 7.39
N PRO A 477 43.72 18.94 7.32
CA PRO A 477 43.52 18.22 6.06
C PRO A 477 42.08 18.26 5.61
N ARG A 478 41.90 18.20 4.29
CA ARG A 478 40.59 18.39 3.66
C ARG A 478 39.60 17.34 4.15
N GLU A 479 40.04 16.10 4.29
CA GLU A 479 39.18 15.03 4.77
C GLU A 479 38.68 15.34 6.18
N ASP A 480 39.56 15.85 7.04
CA ASP A 480 39.13 16.28 8.37
C ASP A 480 38.06 17.38 8.30
N LEU A 481 38.23 18.34 7.39
CA LEU A 481 37.22 19.38 7.20
C LEU A 481 35.88 18.79 6.78
N GLU A 482 35.90 17.77 5.92
CA GLU A 482 34.67 17.10 5.50
C GLU A 482 33.96 16.47 6.69
N LYS A 483 34.71 15.82 7.58
CA LYS A 483 34.13 15.21 8.78
C LYS A 483 33.50 16.26 9.68
N ILE A 484 34.15 17.42 9.83
CA ILE A 484 33.62 18.49 10.67
C ILE A 484 32.30 18.98 10.09
N ILE A 485 32.24 19.19 8.77
CA ILE A 485 31.00 19.60 8.12
C ILE A 485 29.94 18.52 8.29
N ALA A 486 30.33 17.26 8.11
CA ALA A 486 29.38 16.16 8.29
C ALA A 486 28.83 16.12 9.73
N HIS A 487 29.69 16.35 10.72
CA HIS A 487 29.23 16.38 12.11
C HIS A 487 28.21 17.48 12.32
N PHE A 488 28.46 18.66 11.76
CA PHE A 488 27.50 19.77 11.87
C PHE A 488 26.17 19.42 11.22
N LEU A 489 26.21 18.81 10.04
CA LEU A 489 24.98 18.40 9.37
C LEU A 489 24.21 17.37 10.19
N ILE A 490 24.92 16.40 10.77
CA ILE A 490 24.28 15.40 11.62
C ILE A 490 23.60 16.06 12.80
N GLN A 491 24.26 17.03 13.44
CA GLN A 491 23.75 17.70 14.62
C GLN A 491 22.71 18.76 14.32
N GLN A 492 22.43 19.04 13.04
CA GLN A 492 21.47 20.02 12.58
C GLN A 492 21.91 21.46 12.83
N TYR A 493 23.20 21.68 13.09
CA TYR A 493 23.76 23.01 12.91
C TYR A 493 23.77 23.43 11.45
N LEU A 494 23.76 22.45 10.54
CA LEU A 494 23.52 22.67 9.12
C LEU A 494 22.46 21.69 8.65
N LYS A 495 21.70 22.10 7.63
CA LYS A 495 20.67 21.24 7.06
C LYS A 495 20.82 21.23 5.55
N GLU A 496 20.43 20.10 4.95
CA GLU A 496 20.42 19.98 3.50
C GLU A 496 19.20 20.64 2.92
N ASP A 497 19.39 21.42 1.85
CA ASP A 497 18.32 22.00 1.07
C ASP A 497 18.42 21.42 -0.34
N TYR A 498 17.31 20.88 -0.83
CA TYR A 498 17.31 20.16 -2.10
C TYR A 498 16.71 21.04 -3.19
N SER A 499 17.39 21.09 -4.33
CA SER A 499 16.88 21.79 -5.50
C SER A 499 16.54 20.76 -6.56
N PHE A 500 15.33 20.86 -7.10
CA PHE A 500 14.90 19.98 -8.17
C PHE A 500 15.20 20.68 -9.49
N THR A 501 16.22 20.21 -10.20
CA THR A 501 16.54 20.68 -11.54
C THR A 501 16.02 19.70 -12.57
N ALA A 502 16.04 20.13 -13.83
CA ALA A 502 15.62 19.23 -14.91
C ALA A 502 16.55 18.03 -15.00
N TYR A 503 17.86 18.23 -14.85
CA TYR A 503 18.81 17.14 -14.93
C TYR A 503 18.72 16.22 -13.73
N ALA A 504 18.89 16.76 -12.52
CA ALA A 504 18.93 15.92 -11.32
C ALA A 504 18.61 16.77 -10.09
N THR A 505 18.26 16.09 -9.01
CA THR A 505 18.17 16.72 -7.69
C THR A 505 19.56 17.04 -7.14
N ILE A 506 19.70 18.24 -6.57
CA ILE A 506 20.98 18.75 -6.08
C ILE A 506 20.81 19.14 -4.62
N SER A 507 21.81 18.79 -3.81
CA SER A 507 21.84 19.13 -2.40
C SER A 507 22.62 20.41 -2.17
N TYR A 508 22.02 21.36 -1.46
CA TYR A 508 22.68 22.58 -1.02
C TYR A 508 22.61 22.64 0.49
N LEU A 509 23.65 23.22 1.09
CA LEU A 509 23.72 23.36 2.54
C LEU A 509 23.15 24.69 3.00
N LYS A 510 22.40 24.67 4.08
CA LYS A 510 21.77 25.86 4.64
C LYS A 510 21.93 25.86 6.15
N ILE A 511 21.67 27.03 6.75
CA ILE A 511 21.78 27.15 8.20
C ILE A 511 20.75 26.24 8.85
N GLY A 512 21.21 25.44 9.81
CA GLY A 512 20.37 24.43 10.44
C GLY A 512 19.50 25.01 11.54
N PRO A 513 18.53 24.21 11.97
CA PRO A 513 17.64 24.64 13.07
C PRO A 513 18.38 24.95 14.37
N LYS A 514 19.47 24.26 14.66
CA LYS A 514 20.16 24.37 15.95
C LYS A 514 21.18 25.50 15.97
N ALA A 515 21.36 26.23 14.86
CA ALA A 515 22.34 27.31 14.83
C ALA A 515 22.00 28.43 15.81
N ASN A 516 20.72 28.60 16.14
CA ASN A 516 20.35 29.67 17.07
C ASN A 516 20.91 29.43 18.47
N LEU A 517 21.30 28.19 18.79
CA LEU A 517 21.96 27.91 20.06
C LEU A 517 23.34 28.55 20.16
N LEU A 518 23.94 28.93 19.02
CA LEU A 518 25.24 29.59 19.04
C LEU A 518 25.18 31.00 19.61
N ASN A 519 23.99 31.59 19.75
CA ASN A 519 23.86 32.89 20.37
C ASN A 519 24.35 32.88 21.80
N ASN A 520 24.19 31.76 22.50
CA ASN A 520 24.74 31.62 23.84
C ASN A 520 26.26 31.51 23.73
N GLU A 521 26.96 32.45 24.38
CA GLU A 521 28.42 32.45 24.34
C GLU A 521 29.00 31.24 25.06
N ALA A 522 28.26 30.66 26.01
CA ALA A 522 28.74 29.48 26.73
C ALA A 522 28.51 28.20 25.96
N HIS A 523 27.83 28.25 24.82
CA HIS A 523 27.59 27.05 24.03
C HIS A 523 28.91 26.53 23.44
N ALA A 524 29.06 25.21 23.47
CA ALA A 524 30.25 24.54 22.93
C ALA A 524 29.83 23.36 22.06
N ILE A 525 30.65 23.06 21.04
CA ILE A 525 30.44 21.93 20.15
C ILE A 525 31.71 21.10 20.12
N THR A 526 31.58 19.78 20.29
CA THR A 526 32.72 18.90 20.42
C THR A 526 32.51 17.62 19.62
N MET A 527 33.63 17.00 19.23
CA MET A 527 33.63 15.78 18.45
C MET A 527 34.83 14.92 18.85
N GLN A 528 34.67 13.59 18.84
CA GLN A 528 35.75 12.69 19.20
C GLN A 528 36.87 12.75 18.17
N VAL A 529 38.11 12.82 18.65
CA VAL A 529 39.31 12.74 17.81
C VAL A 529 40.37 11.93 18.54
N THR A 530 41.09 11.12 17.79
CA THR A 530 42.22 10.37 18.34
C THR A 530 43.34 11.30 18.77
N LYS A 531 44.06 10.93 19.83
CA LYS A 531 45.21 11.68 20.31
C LYS A 531 46.52 11.25 19.63
N ASP B 1 -8.23 17.18 17.89
CA ASP B 1 -9.32 17.80 17.12
C ASP B 1 -9.63 19.20 17.67
N SER B 2 -9.00 20.22 17.09
CA SER B 2 -9.25 21.58 17.48
C SER B 2 -10.67 22.00 17.12
N SER B 3 -11.25 22.86 17.93
CA SER B 3 -12.65 23.20 17.77
C SER B 3 -12.86 24.07 16.53
N PRO B 4 -13.71 23.64 15.59
CA PRO B 4 -14.06 24.51 14.45
C PRO B 4 -14.83 25.76 14.85
N ALA B 5 -15.44 25.78 16.05
CA ALA B 5 -16.43 26.79 16.36
C ALA B 5 -15.84 28.19 16.36
N ALA B 6 -14.63 28.34 16.89
CA ALA B 6 -14.01 29.66 16.99
C ALA B 6 -13.77 30.28 15.62
N TRP B 7 -13.68 29.46 14.57
CA TRP B 7 -13.48 29.94 13.22
C TRP B 7 -14.77 30.19 12.45
N ASN B 8 -15.93 29.92 13.06
CA ASN B 8 -17.22 30.10 12.37
C ASN B 8 -17.70 31.54 12.51
N LYS B 9 -16.87 32.45 11.96
CA LYS B 9 -17.13 33.88 12.03
C LYS B 9 -16.49 34.53 10.81
N GLU B 10 -16.99 35.73 10.48
CA GLU B 10 -16.54 36.46 9.30
C GLU B 10 -15.97 37.82 9.69
N ASP B 11 -15.16 37.84 10.75
CA ASP B 11 -14.48 39.05 11.19
C ASP B 11 -13.08 39.18 10.60
N PHE B 12 -12.62 38.23 9.81
CA PHE B 12 -11.27 38.27 9.29
C PHE B 12 -11.13 39.33 8.19
N PRO B 13 -9.90 39.79 7.93
CA PRO B 13 -9.71 40.77 6.86
C PRO B 13 -10.18 40.31 5.49
N TRP B 14 -10.06 39.02 5.20
CA TRP B 14 -10.44 38.49 3.90
C TRP B 14 -11.91 38.11 3.82
N SER B 15 -12.67 38.30 4.89
CA SER B 15 -14.06 37.85 4.92
C SER B 15 -14.88 38.54 3.83
N GLY B 16 -14.65 39.85 3.63
CA GLY B 16 -15.34 40.55 2.56
C GLY B 16 -15.01 39.98 1.19
N LYS B 17 -13.73 39.66 0.96
CA LYS B 17 -13.35 39.02 -0.30
C LYS B 17 -13.99 37.64 -0.43
N VAL B 18 -14.03 36.87 0.66
CA VAL B 18 -14.66 35.56 0.64
C VAL B 18 -16.13 35.65 0.28
N LYS B 19 -16.86 36.60 0.88
CA LYS B 19 -18.27 36.74 0.59
C LYS B 19 -18.52 37.09 -0.86
N ASP B 20 -17.73 38.02 -1.41
CA ASP B 20 -17.87 38.39 -2.81
C ASP B 20 -17.61 37.20 -3.75
N ILE B 21 -16.55 36.42 -3.47
CA ILE B 21 -16.22 35.28 -4.31
C ILE B 21 -17.32 34.23 -4.24
N LEU B 22 -17.82 33.97 -3.03
CA LEU B 22 -18.82 32.90 -2.85
C LEU B 22 -20.09 33.20 -3.61
N GLN B 23 -20.56 34.45 -3.56
CA GLN B 23 -21.83 34.80 -4.18
C GLN B 23 -21.70 35.25 -5.63
N ASN B 24 -20.71 36.07 -5.94
CA ASN B 24 -20.58 36.61 -7.29
C ASN B 24 -19.84 35.70 -8.25
N VAL B 25 -18.88 34.90 -7.77
CA VAL B 25 -18.07 34.06 -8.63
C VAL B 25 -18.60 32.63 -8.70
N PHE B 26 -18.84 32.01 -7.55
CA PHE B 26 -19.36 30.65 -7.50
C PHE B 26 -20.88 30.61 -7.52
N LYS B 27 -21.55 31.77 -7.47
CA LYS B 27 -23.00 31.86 -7.51
C LYS B 27 -23.66 31.01 -6.43
N LEU B 28 -23.05 31.00 -5.24
CA LEU B 28 -23.53 30.20 -4.12
C LEU B 28 -24.03 31.13 -3.02
N GLU B 29 -25.27 30.93 -2.60
CA GLU B 29 -25.91 31.85 -1.66
C GLU B 29 -25.25 31.81 -0.28
N LYS B 30 -25.01 30.61 0.26
CA LYS B 30 -24.61 30.47 1.65
C LYS B 30 -23.62 29.32 1.81
N PHE B 31 -22.84 29.38 2.89
CA PHE B 31 -21.83 28.36 3.16
C PHE B 31 -22.46 27.14 3.82
N ARG B 32 -22.11 25.95 3.32
CA ARG B 32 -22.49 24.72 3.98
C ARG B 32 -21.66 24.53 5.24
N PRO B 33 -22.10 23.69 6.18
CA PRO B 33 -21.37 23.62 7.44
C PRO B 33 -19.92 23.22 7.20
N LEU B 34 -19.05 23.86 7.96
CA LEU B 34 -17.63 23.67 8.16
C LEU B 34 -16.88 24.17 6.95
N GLN B 35 -17.60 24.62 5.92
CA GLN B 35 -16.96 25.24 4.75
C GLN B 35 -16.26 26.54 5.13
N LEU B 36 -16.98 27.41 5.84
CA LEU B 36 -16.42 28.71 6.22
C LEU B 36 -15.24 28.54 7.15
N GLU B 37 -15.38 27.65 8.14
CA GLU B 37 -14.30 27.44 9.09
C GLU B 37 -13.05 26.91 8.40
N THR B 38 -13.22 25.95 7.48
CA THR B 38 -12.07 25.41 6.75
C THR B 38 -11.41 26.48 5.90
N ILE B 39 -12.21 27.29 5.21
CA ILE B 39 -11.66 28.37 4.37
C ILE B 39 -10.91 29.37 5.22
N ASN B 40 -11.47 29.74 6.38
CA ASN B 40 -10.81 30.68 7.28
C ASN B 40 -9.49 30.12 7.79
N VAL B 41 -9.47 28.84 8.15
CA VAL B 41 -8.24 28.18 8.56
C VAL B 41 -7.26 28.17 7.39
N THR B 42 -7.73 27.82 6.20
CA THR B 42 -6.86 27.79 5.03
C THR B 42 -6.32 29.18 4.72
N MET B 43 -7.17 30.20 4.80
CA MET B 43 -6.72 31.58 4.56
C MET B 43 -5.79 32.09 5.65
N ALA B 44 -5.76 31.46 6.81
CA ALA B 44 -4.90 31.86 7.92
C ALA B 44 -3.49 31.29 7.82
N GLY B 45 -3.20 30.50 6.80
CA GLY B 45 -1.93 29.83 6.66
C GLY B 45 -1.78 28.54 7.42
N LYS B 46 -2.84 28.09 8.10
CA LYS B 46 -2.79 26.86 8.88
C LYS B 46 -3.07 25.64 7.99
N GLU B 47 -2.53 24.50 8.40
CA GLU B 47 -2.87 23.24 7.75
C GLU B 47 -4.20 22.73 8.28
N VAL B 48 -5.04 22.20 7.39
CA VAL B 48 -6.37 21.73 7.77
C VAL B 48 -6.69 20.45 7.01
N PHE B 49 -7.34 19.51 7.70
CA PHE B 49 -7.98 18.36 7.06
C PHE B 49 -9.49 18.51 7.19
N LEU B 50 -10.19 18.37 6.07
CA LEU B 50 -11.65 18.39 6.08
C LEU B 50 -12.16 16.99 5.79
N VAL B 51 -12.96 16.46 6.71
CA VAL B 51 -13.59 15.15 6.54
C VAL B 51 -15.07 15.41 6.30
N MET B 52 -15.49 15.30 5.04
CA MET B 52 -16.86 15.60 4.64
C MET B 52 -17.36 14.51 3.71
N PRO B 53 -18.66 14.20 3.75
CA PRO B 53 -19.21 13.20 2.82
C PRO B 53 -19.13 13.67 1.38
N THR B 54 -19.01 12.70 0.47
CA THR B 54 -18.86 13.01 -0.94
C THR B 54 -20.02 13.87 -1.44
N GLY B 55 -19.69 14.90 -2.20
CA GLY B 55 -20.66 15.83 -2.72
C GLY B 55 -21.07 16.92 -1.77
N GLY B 56 -20.47 16.96 -0.57
CA GLY B 56 -20.82 17.96 0.42
C GLY B 56 -20.22 19.34 0.20
N GLY B 57 -19.30 19.48 -0.75
CA GLY B 57 -18.71 20.77 -1.05
C GLY B 57 -17.26 20.92 -0.66
N LYS B 58 -16.49 19.83 -0.71
CA LYS B 58 -15.08 19.89 -0.34
C LYS B 58 -14.29 20.77 -1.31
N SER B 59 -14.66 20.74 -2.60
CA SER B 59 -13.89 21.46 -3.60
C SER B 59 -13.86 22.96 -3.32
N LEU B 60 -14.99 23.53 -2.90
CA LEU B 60 -15.06 24.96 -2.63
C LEU B 60 -14.06 25.38 -1.54
N CYS B 61 -13.70 24.46 -0.65
CA CYS B 61 -12.84 24.79 0.48
C CYS B 61 -11.40 25.08 0.06
N TYR B 62 -10.99 24.68 -1.14
CA TYR B 62 -9.69 25.07 -1.68
C TYR B 62 -9.79 25.86 -2.98
N GLN B 63 -10.86 25.68 -3.76
CA GLN B 63 -11.07 26.50 -4.95
C GLN B 63 -11.30 27.96 -4.58
N LEU B 64 -12.17 28.23 -3.62
CA LEU B 64 -12.43 29.61 -3.23
C LEU B 64 -11.19 30.30 -2.68
N PRO B 65 -10.41 29.71 -1.75
CA PRO B 65 -9.18 30.38 -1.31
C PRO B 65 -8.16 30.57 -2.43
N ALA B 66 -8.25 29.79 -3.51
CA ALA B 66 -7.35 29.98 -4.63
C ALA B 66 -7.49 31.37 -5.24
N LEU B 67 -8.73 31.83 -5.37
CA LEU B 67 -9.06 33.09 -6.02
C LEU B 67 -8.89 34.29 -5.10
N CYS B 68 -8.59 34.07 -3.82
CA CYS B 68 -8.49 35.14 -2.84
C CYS B 68 -7.09 35.74 -2.74
N SER B 69 -6.11 35.18 -3.47
CA SER B 69 -4.76 35.72 -3.46
C SER B 69 -4.11 35.47 -4.81
N ASP B 70 -3.05 36.23 -5.09
CA ASP B 70 -2.36 36.13 -6.37
C ASP B 70 -1.75 34.75 -6.55
N GLY B 71 -1.78 34.25 -7.78
CA GLY B 71 -1.14 32.99 -8.12
C GLY B 71 -2.11 31.83 -8.12
N PHE B 72 -1.55 30.66 -8.45
CA PHE B 72 -2.34 29.44 -8.55
C PHE B 72 -2.16 28.57 -7.30
N THR B 73 -2.93 27.50 -7.22
CA THR B 73 -2.79 26.52 -6.16
C THR B 73 -2.71 25.12 -6.77
N LEU B 74 -1.69 24.37 -6.37
CA LEU B 74 -1.57 22.98 -6.77
C LEU B 74 -2.65 22.13 -6.11
N VAL B 75 -3.25 21.23 -6.90
CA VAL B 75 -4.17 20.22 -6.38
C VAL B 75 -3.65 18.85 -6.78
N ILE B 76 -3.51 17.96 -5.80
CA ILE B 76 -3.11 16.58 -6.05
C ILE B 76 -4.38 15.75 -6.14
N CYS B 77 -4.57 15.06 -7.26
CA CYS B 77 -5.74 14.22 -7.36
C CYS B 77 -5.33 12.84 -7.84
N PRO B 78 -6.02 11.79 -7.38
CA PRO B 78 -5.63 10.42 -7.78
C PRO B 78 -6.03 9.98 -9.18
N LEU B 79 -7.18 10.45 -9.66
CA LEU B 79 -7.77 9.99 -10.90
C LEU B 79 -7.89 11.14 -11.88
N ILE B 80 -7.59 10.88 -13.15
CA ILE B 80 -7.79 11.88 -14.17
C ILE B 80 -9.27 12.27 -14.27
N SER B 81 -10.16 11.29 -14.11
CA SER B 81 -11.60 11.55 -14.24
C SER B 81 -12.08 12.58 -13.22
N LEU B 82 -11.60 12.48 -11.98
CA LEU B 82 -11.95 13.46 -10.96
C LEU B 82 -11.45 14.86 -11.33
N MET B 83 -10.22 14.94 -11.88
CA MET B 83 -9.68 16.21 -12.32
C MET B 83 -10.54 16.83 -13.41
N GLU B 84 -10.98 16.02 -14.37
CA GLU B 84 -11.77 16.54 -15.49
C GLU B 84 -13.09 17.12 -15.00
N ASP B 85 -13.76 16.44 -14.08
CA ASP B 85 -15.05 16.93 -13.59
C ASP B 85 -14.90 18.28 -12.90
N GLN B 86 -13.87 18.44 -12.07
CA GLN B 86 -13.62 19.74 -11.46
C GLN B 86 -13.30 20.80 -12.51
N LEU B 87 -12.55 20.42 -13.54
CA LEU B 87 -12.18 21.36 -14.60
C LEU B 87 -13.42 21.87 -15.35
N MET B 88 -14.38 20.99 -15.62
CA MET B 88 -15.61 21.40 -16.28
C MET B 88 -16.37 22.43 -15.46
N VAL B 89 -16.47 22.22 -14.15
CA VAL B 89 -17.18 23.16 -13.29
C VAL B 89 -16.49 24.52 -13.30
N LEU B 90 -15.16 24.54 -13.18
CA LEU B 90 -14.41 25.79 -13.22
C LEU B 90 -14.57 26.49 -14.57
N LYS B 91 -14.51 25.75 -15.68
CA LYS B 91 -14.75 26.35 -16.99
C LYS B 91 -16.17 26.87 -17.08
N GLN B 92 -17.14 26.12 -16.54
CA GLN B 92 -18.52 26.58 -16.50
C GLN B 92 -18.62 27.87 -15.68
N LEU B 93 -17.90 27.93 -14.56
CA LEU B 93 -17.85 29.15 -13.74
C LEU B 93 -16.88 30.20 -14.28
N GLY B 94 -16.10 29.86 -15.31
CA GLY B 94 -15.18 30.83 -15.88
C GLY B 94 -13.85 30.98 -15.18
N ILE B 95 -13.48 30.04 -14.32
CA ILE B 95 -12.20 30.10 -13.61
C ILE B 95 -11.15 29.35 -14.43
N SER B 96 -10.03 30.01 -14.71
CA SER B 96 -8.96 29.37 -15.46
C SER B 96 -8.30 28.27 -14.64
N ALA B 97 -8.15 27.10 -15.24
CA ALA B 97 -7.55 25.95 -14.56
C ALA B 97 -7.05 24.98 -15.63
N THR B 98 -6.19 24.07 -15.20
CA THR B 98 -5.63 23.08 -16.13
C THR B 98 -5.15 21.89 -15.33
N MET B 99 -4.79 20.82 -16.05
CA MET B 99 -4.28 19.61 -15.44
C MET B 99 -3.11 19.06 -16.24
N LEU B 100 -2.28 18.26 -15.56
CA LEU B 100 -1.20 17.48 -16.17
C LEU B 100 -1.33 16.02 -15.74
N ASN B 101 -1.03 15.12 -16.67
CA ASN B 101 -1.07 13.69 -16.40
C ASN B 101 -0.15 12.99 -17.38
N ALA B 102 -0.13 11.66 -17.31
CA ALA B 102 0.75 10.87 -18.17
C ALA B 102 0.38 11.05 -19.64
N SER B 103 -0.92 11.04 -19.94
CA SER B 103 -1.39 11.11 -21.33
C SER B 103 -1.26 12.50 -21.93
N SER B 104 -0.96 13.52 -21.14
CA SER B 104 -0.84 14.87 -21.68
C SER B 104 0.32 14.99 -22.66
N SER B 105 0.09 15.71 -23.75
CA SER B 105 1.10 15.97 -24.74
C SER B 105 2.09 17.02 -24.24
N LYS B 106 3.31 16.98 -24.79
CA LYS B 106 4.31 18.01 -24.47
C LYS B 106 3.84 19.38 -24.93
N GLU B 107 2.96 19.43 -25.93
CA GLU B 107 2.43 20.71 -26.43
C GLU B 107 1.68 21.45 -25.33
N HIS B 108 0.83 20.73 -24.58
CA HIS B 108 0.16 21.30 -23.43
C HIS B 108 1.14 21.48 -22.28
N VAL B 109 2.07 20.53 -22.12
CA VAL B 109 2.99 20.53 -20.99
C VAL B 109 3.86 21.76 -21.02
N LYS B 110 4.39 22.11 -22.19
CA LYS B 110 5.24 23.30 -22.30
C LYS B 110 4.45 24.56 -21.95
N TRP B 111 3.22 24.66 -22.44
CA TRP B 111 2.38 25.81 -22.10
C TRP B 111 2.14 25.89 -20.60
N VAL B 112 1.82 24.75 -19.97
CA VAL B 112 1.61 24.75 -18.53
C VAL B 112 2.91 25.08 -17.81
N HIS B 113 4.02 24.48 -18.23
CA HIS B 113 5.30 24.77 -17.58
C HIS B 113 5.69 26.23 -17.74
N ALA B 114 5.52 26.79 -18.95
CA ALA B 114 5.75 28.23 -19.13
C ALA B 114 4.78 29.06 -18.31
N GLU B 115 3.50 28.66 -18.26
CA GLU B 115 2.50 29.40 -17.50
C GLU B 115 2.80 29.39 -16.00
N MET B 116 3.51 28.38 -15.51
CA MET B 116 3.86 28.33 -14.09
C MET B 116 4.75 29.49 -13.69
N VAL B 117 5.73 29.85 -14.54
CA VAL B 117 6.62 30.96 -14.23
C VAL B 117 6.12 32.30 -14.77
N ASN B 118 5.02 32.30 -15.53
CA ASN B 118 4.46 33.52 -16.10
C ASN B 118 3.56 34.18 -15.07
N LYS B 119 4.05 35.27 -14.47
CA LYS B 119 3.32 35.89 -13.38
C LYS B 119 2.08 36.64 -13.86
N ASN B 120 1.92 36.84 -15.17
CA ASN B 120 0.71 37.43 -15.74
C ASN B 120 -0.37 36.40 -16.03
N SER B 121 -0.10 35.11 -15.75
CA SER B 121 -1.04 34.05 -16.02
C SER B 121 -2.28 34.15 -15.12
N GLU B 122 -3.42 33.76 -15.68
CA GLU B 122 -4.66 33.71 -14.93
C GLU B 122 -4.97 32.33 -14.37
N LEU B 123 -4.08 31.35 -14.56
CA LEU B 123 -4.32 30.03 -13.99
C LEU B 123 -4.40 30.12 -12.47
N LYS B 124 -5.51 29.63 -11.92
CA LYS B 124 -5.73 29.63 -10.48
C LYS B 124 -5.64 28.26 -9.85
N LEU B 125 -6.02 27.21 -10.59
CA LEU B 125 -5.90 25.84 -10.13
C LEU B 125 -5.09 25.06 -11.15
N ILE B 126 -4.09 24.32 -10.69
CA ILE B 126 -3.37 23.36 -11.52
C ILE B 126 -3.52 22.00 -10.85
N TYR B 127 -4.10 21.04 -11.58
CA TYR B 127 -4.35 19.70 -11.09
C TYR B 127 -3.28 18.76 -11.61
N VAL B 128 -2.69 17.96 -10.73
CA VAL B 128 -1.64 17.02 -11.14
C VAL B 128 -1.86 15.67 -10.45
N THR B 129 -1.61 14.60 -11.19
CA THR B 129 -1.54 13.27 -10.60
C THR B 129 -0.28 13.18 -9.74
N PRO B 130 -0.27 12.29 -8.73
CA PRO B 130 0.90 12.18 -7.86
C PRO B 130 2.19 11.79 -8.59
N GLU B 131 2.08 11.11 -9.73
CA GLU B 131 3.28 10.76 -10.49
C GLU B 131 4.08 11.99 -10.89
N LYS B 132 3.40 13.12 -11.11
CA LYS B 132 4.10 14.36 -11.47
C LYS B 132 4.97 14.89 -10.33
N ILE B 133 4.75 14.43 -9.10
CA ILE B 133 5.51 14.87 -7.94
C ILE B 133 6.63 13.87 -7.70
N ALA B 134 6.27 12.60 -7.53
CA ALA B 134 7.24 11.56 -7.21
C ALA B 134 8.19 11.31 -8.38
N LYS B 135 7.68 11.30 -9.60
CA LYS B 135 8.37 10.75 -10.77
C LYS B 135 8.37 11.76 -11.93
N SER B 136 8.67 13.03 -11.64
CA SER B 136 8.88 13.99 -12.72
C SER B 136 9.83 15.08 -12.22
N LYS B 137 11.08 15.00 -12.64
CA LYS B 137 12.03 16.08 -12.36
C LYS B 137 11.59 17.37 -13.04
N MET B 138 11.10 17.28 -14.28
CA MET B 138 10.73 18.48 -15.01
C MET B 138 9.61 19.24 -14.30
N PHE B 139 8.59 18.53 -13.83
CA PHE B 139 7.50 19.20 -13.13
C PHE B 139 7.98 19.81 -11.82
N MET B 140 8.78 19.07 -11.06
CA MET B 140 9.27 19.60 -9.79
C MET B 140 10.18 20.80 -10.00
N SER B 141 10.99 20.78 -11.06
CA SER B 141 11.82 21.95 -11.37
C SER B 141 10.97 23.18 -11.66
N ARG B 142 9.89 23.02 -12.44
CA ARG B 142 8.97 24.14 -12.66
C ARG B 142 8.31 24.59 -11.36
N LEU B 143 7.87 23.62 -10.55
CA LEU B 143 7.18 23.92 -9.30
C LEU B 143 8.10 24.67 -8.35
N GLU B 144 9.36 24.24 -8.24
CA GLU B 144 10.31 24.87 -7.32
C GLU B 144 10.56 26.33 -7.71
N LYS B 145 10.76 26.57 -9.00
CA LYS B 145 11.00 27.94 -9.47
C LYS B 145 9.77 28.81 -9.29
N ALA B 146 8.58 28.23 -9.51
CA ALA B 146 7.34 28.95 -9.24
C ALA B 146 7.22 29.29 -7.77
N TYR B 147 7.59 28.36 -6.88
CA TYR B 147 7.44 28.60 -5.45
C TYR B 147 8.28 29.77 -4.98
N GLU B 148 9.54 29.86 -5.42
CA GLU B 148 10.37 30.98 -4.99
C GLU B 148 10.13 32.21 -5.82
N ALA B 149 9.34 32.11 -6.88
CA ALA B 149 8.74 33.25 -7.55
C ALA B 149 7.44 33.69 -6.90
N ARG B 150 7.01 32.98 -5.84
CA ARG B 150 5.74 33.22 -5.17
C ARG B 150 4.57 33.11 -6.16
N ARG B 151 4.69 32.17 -7.09
CA ARG B 151 3.62 31.91 -8.03
C ARG B 151 2.48 31.11 -7.41
N PHE B 152 2.78 30.18 -6.50
CA PHE B 152 1.73 29.44 -5.81
C PHE B 152 2.01 29.42 -4.33
N THR B 153 0.95 29.56 -3.54
CA THR B 153 1.07 29.67 -2.10
C THR B 153 0.26 28.64 -1.32
N ARG B 154 -0.39 27.68 -1.97
CA ARG B 154 -1.03 26.61 -1.21
C ARG B 154 -1.17 25.35 -2.05
N ILE B 155 -1.37 24.24 -1.36
CA ILE B 155 -1.51 22.92 -1.95
C ILE B 155 -2.74 22.24 -1.36
N ALA B 156 -3.55 21.62 -2.21
CA ALA B 156 -4.69 20.82 -1.81
C ALA B 156 -4.46 19.37 -2.21
N VAL B 157 -4.59 18.45 -1.25
CA VAL B 157 -4.41 17.03 -1.55
C VAL B 157 -5.75 16.33 -1.47
N ASP B 158 -6.41 16.19 -2.63
CA ASP B 158 -7.71 15.55 -2.69
C ASP B 158 -7.59 14.07 -2.41
N GLU B 159 -8.61 13.51 -1.75
CA GLU B 159 -8.61 12.11 -1.31
C GLU B 159 -7.35 11.80 -0.49
N VAL B 160 -7.12 12.62 0.55
CA VAL B 160 -5.90 12.53 1.34
C VAL B 160 -5.79 11.20 2.10
N HIS B 161 -6.89 10.47 2.25
CA HIS B 161 -6.84 9.18 2.93
C HIS B 161 -5.94 8.20 2.21
N CYS B 162 -5.69 8.40 0.91
CA CYS B 162 -4.77 7.54 0.17
C CYS B 162 -3.34 7.65 0.67
N CYS B 163 -3.01 8.75 1.35
CA CYS B 163 -1.67 8.88 1.93
C CYS B 163 -1.38 7.78 2.94
N SER B 164 -2.35 7.51 3.82
CA SER B 164 -2.18 6.40 4.75
C SER B 164 -2.25 5.08 4.00
N GLN B 165 -1.46 4.12 4.46
CA GLN B 165 -1.43 2.82 3.82
C GLN B 165 -2.74 2.06 3.97
N TRP B 166 -3.58 2.47 4.92
CA TRP B 166 -4.82 1.75 5.19
C TRP B 166 -6.03 2.22 4.40
N GLY B 167 -5.97 3.31 3.64
CA GLY B 167 -7.17 3.74 2.94
C GLY B 167 -7.47 2.79 1.82
N HIS B 168 -8.74 2.66 1.48
CA HIS B 168 -8.97 1.90 0.27
C HIS B 168 -8.90 2.78 -0.95
N ASP B 169 -7.83 3.55 -1.19
CA ASP B 169 -7.21 3.86 -2.47
C ASP B 169 -5.66 3.84 -2.49
N PHE B 170 -4.95 3.02 -1.71
CA PHE B 170 -3.58 3.40 -1.34
C PHE B 170 -2.69 3.58 -2.58
N ARG B 171 -1.91 4.66 -2.58
CA ARG B 171 -1.02 4.97 -3.70
C ARG B 171 0.42 4.98 -3.21
N PRO B 172 1.31 4.17 -3.80
CA PRO B 172 2.74 4.31 -3.48
C PRO B 172 3.28 5.69 -3.79
N ASP B 173 2.74 6.35 -4.81
CA ASP B 173 3.10 7.73 -5.10
C ASP B 173 2.71 8.65 -3.94
N TYR B 174 1.55 8.40 -3.33
CA TYR B 174 1.06 9.26 -2.26
C TYR B 174 2.01 9.29 -1.06
N LYS B 175 2.79 8.21 -0.87
CA LYS B 175 3.74 8.21 0.23
C LYS B 175 4.81 9.29 0.05
N ALA B 176 5.11 9.65 -1.18
CA ALA B 176 6.13 10.66 -1.44
C ALA B 176 5.61 12.08 -1.33
N LEU B 177 4.31 12.26 -1.08
CA LEU B 177 3.73 13.59 -1.06
C LEU B 177 4.23 14.45 0.09
N GLY B 178 4.93 13.87 1.06
CA GLY B 178 5.53 14.67 2.10
C GLY B 178 6.61 15.61 1.61
N ILE B 179 7.13 15.38 0.40
CA ILE B 179 8.12 16.29 -0.17
C ILE B 179 7.54 17.68 -0.35
N LEU B 180 6.21 17.78 -0.56
CA LEU B 180 5.60 19.09 -0.79
C LEU B 180 5.80 20.02 0.39
N LYS B 181 5.50 19.54 1.60
CA LYS B 181 5.66 20.37 2.79
C LYS B 181 7.12 20.60 3.11
N ARG B 182 7.96 19.58 2.90
CA ARG B 182 9.39 19.73 3.13
C ARG B 182 10.00 20.78 2.21
N GLN B 183 9.61 20.77 0.93
CA GLN B 183 10.21 21.66 -0.05
C GLN B 183 9.51 23.02 -0.16
N PHE B 184 8.24 23.11 0.23
CA PHE B 184 7.49 24.36 0.15
C PHE B 184 6.79 24.63 1.48
N PRO B 185 7.56 24.91 2.55
CA PRO B 185 6.94 25.14 3.86
C PRO B 185 5.95 26.31 3.88
N ASN B 186 6.23 27.37 3.11
CA ASN B 186 5.38 28.55 3.14
C ASN B 186 4.04 28.34 2.44
N ALA B 187 3.88 27.24 1.71
CA ALA B 187 2.60 26.92 1.09
C ALA B 187 1.77 26.10 2.10
N SER B 188 0.57 26.57 2.37
CA SER B 188 -0.36 25.84 3.21
C SER B 188 -0.86 24.59 2.51
N LEU B 189 -1.11 23.54 3.30
CA LEU B 189 -1.63 22.28 2.79
C LEU B 189 -3.01 22.04 3.36
N ILE B 190 -3.96 21.66 2.51
CA ILE B 190 -5.29 21.27 2.93
C ILE B 190 -5.57 19.88 2.36
N GLY B 191 -6.03 18.98 3.22
CA GLY B 191 -6.38 17.63 2.82
C GLY B 191 -7.88 17.41 2.95
N LEU B 192 -8.45 16.69 1.99
CA LEU B 192 -9.88 16.42 1.96
C LEU B 192 -10.13 14.94 1.75
N THR B 193 -11.10 14.40 2.46
CA THR B 193 -11.48 13.01 2.27
C THR B 193 -12.91 12.82 2.74
N ALA B 194 -13.52 11.74 2.25
CA ALA B 194 -14.83 11.32 2.72
C ALA B 194 -14.78 10.02 3.50
N THR B 195 -13.67 9.29 3.44
CA THR B 195 -13.49 8.02 4.13
C THR B 195 -12.22 8.13 4.95
N ALA B 196 -12.35 8.43 6.24
CA ALA B 196 -11.19 8.73 7.06
C ALA B 196 -11.47 8.30 8.50
N THR B 197 -10.90 7.16 8.88
CA THR B 197 -10.82 6.81 10.29
C THR B 197 -9.77 7.67 10.98
N ASN B 198 -9.88 7.77 12.30
CA ASN B 198 -8.97 8.63 13.05
C ASN B 198 -7.54 8.13 12.91
N HIS B 199 -7.33 6.81 12.97
CA HIS B 199 -5.99 6.26 12.77
C HIS B 199 -5.44 6.60 11.39
N VAL B 200 -6.29 6.52 10.35
CA VAL B 200 -5.84 6.83 9.00
C VAL B 200 -5.41 8.30 8.90
N LEU B 201 -6.19 9.20 9.50
CA LEU B 201 -5.87 10.63 9.40
C LEU B 201 -4.53 10.96 10.04
N THR B 202 -4.26 10.39 11.23
CA THR B 202 -2.98 10.63 11.87
C THR B 202 -1.81 10.10 11.03
N ASP B 203 -1.97 8.92 10.43
CA ASP B 203 -0.94 8.39 9.54
C ASP B 203 -0.75 9.31 8.34
N ALA B 204 -1.85 9.82 7.78
CA ALA B 204 -1.76 10.70 6.61
C ALA B 204 -1.01 11.99 6.95
N GLN B 205 -1.27 12.56 8.13
CA GLN B 205 -0.55 13.75 8.54
C GLN B 205 0.95 13.48 8.64
N LYS B 206 1.34 12.33 9.18
CA LYS B 206 2.77 11.98 9.26
C LYS B 206 3.40 11.85 7.89
N ILE B 207 2.69 11.23 6.94
CA ILE B 207 3.20 11.04 5.57
C ILE B 207 3.47 12.39 4.92
N LEU B 208 2.53 13.32 5.08
CA LEU B 208 2.58 14.67 4.56
C LEU B 208 3.57 15.54 5.31
N CYS B 209 4.14 15.06 6.44
CA CYS B 209 5.04 15.87 7.26
C CYS B 209 4.43 17.19 7.77
N ILE B 210 3.36 17.06 8.57
CA ILE B 210 2.68 18.22 9.12
C ILE B 210 2.63 18.07 10.64
N GLU B 211 3.02 19.14 11.35
CA GLU B 211 2.98 19.16 12.81
C GLU B 211 1.69 19.73 13.39
N LYS B 212 1.36 20.98 13.02
CA LYS B 212 0.11 21.60 13.44
C LYS B 212 -0.90 21.43 12.32
N CYS B 213 -2.07 20.90 12.64
CA CYS B 213 -3.05 20.60 11.61
C CYS B 213 -4.44 20.54 12.23
N PHE B 214 -5.31 21.47 11.84
CA PHE B 214 -6.71 21.39 12.21
C PHE B 214 -7.38 20.22 11.48
N THR B 215 -8.30 19.55 12.17
CA THR B 215 -9.08 18.47 11.57
C THR B 215 -10.55 18.72 11.90
N PHE B 216 -11.30 19.13 10.87
CA PHE B 216 -12.73 19.38 10.98
C PHE B 216 -13.48 18.25 10.31
N THR B 217 -14.36 17.58 11.07
CA THR B 217 -15.14 16.47 10.55
C THR B 217 -16.60 16.88 10.51
N ALA B 218 -17.20 16.81 9.33
CA ALA B 218 -18.61 17.16 9.16
C ALA B 218 -19.50 16.06 9.69
N SER B 219 -20.69 16.43 10.15
CA SER B 219 -21.70 15.43 10.48
C SER B 219 -22.08 14.67 9.23
N PHE B 220 -22.12 13.35 9.32
CA PHE B 220 -22.48 12.51 8.19
C PHE B 220 -23.97 12.21 8.12
N ASN B 221 -24.74 12.67 9.12
CA ASN B 221 -26.18 12.50 9.08
C ASN B 221 -26.82 13.42 8.04
N ARG B 222 -27.91 12.94 7.43
CA ARG B 222 -28.67 13.69 6.42
C ARG B 222 -30.12 13.70 6.87
N PRO B 223 -30.51 14.64 7.74
CA PRO B 223 -31.86 14.61 8.32
C PRO B 223 -32.98 14.62 7.28
N ASN B 224 -32.80 15.32 6.16
CA ASN B 224 -33.84 15.41 5.15
C ASN B 224 -34.07 14.09 4.42
N LEU B 225 -33.21 13.10 4.58
CA LEU B 225 -33.32 11.85 3.84
C LEU B 225 -34.17 10.84 4.62
N TYR B 226 -35.11 10.21 3.93
CA TYR B 226 -35.93 9.14 4.48
C TYR B 226 -35.42 7.80 3.95
N TYR B 227 -35.09 6.88 4.86
CA TYR B 227 -34.54 5.58 4.48
C TYR B 227 -35.58 4.49 4.66
N GLU B 228 -35.79 3.68 3.62
CA GLU B 228 -36.74 2.59 3.64
C GLU B 228 -36.13 1.35 2.99
N VAL B 229 -36.54 0.17 3.48
CA VAL B 229 -36.18 -1.11 2.88
C VAL B 229 -37.46 -1.83 2.49
N ARG B 230 -37.52 -2.29 1.24
CA ARG B 230 -38.73 -2.89 0.69
C ARG B 230 -38.38 -4.23 0.08
N GLN B 231 -39.33 -5.16 0.15
CA GLN B 231 -39.14 -6.49 -0.41
C GLN B 231 -39.04 -6.44 -1.94
N LYS B 232 -38.10 -7.21 -2.48
CA LYS B 232 -37.94 -7.31 -3.94
C LYS B 232 -38.89 -8.35 -4.50
N PRO B 233 -39.78 -7.99 -5.42
CA PRO B 233 -40.70 -8.96 -6.01
C PRO B 233 -39.96 -10.07 -6.74
N SER B 234 -40.53 -11.28 -6.67
CA SER B 234 -39.90 -12.45 -7.26
C SER B 234 -39.82 -12.35 -8.79
N ASN B 235 -40.75 -11.63 -9.43
CA ASN B 235 -40.81 -11.54 -10.88
C ASN B 235 -40.64 -10.10 -11.33
N THR B 236 -40.13 -9.95 -12.55
CA THR B 236 -39.80 -8.62 -13.06
C THR B 236 -41.03 -7.73 -13.19
N GLU B 237 -42.14 -8.26 -13.71
CA GLU B 237 -43.27 -7.40 -14.05
C GLU B 237 -43.85 -6.69 -12.83
N ASP B 238 -44.03 -7.45 -11.72
CA ASP B 238 -44.53 -6.81 -10.50
C ASP B 238 -43.53 -5.80 -9.94
N PHE B 239 -42.24 -6.14 -10.01
CA PHE B 239 -41.21 -5.24 -9.51
C PHE B 239 -41.23 -3.92 -10.26
N ILE B 240 -41.32 -3.97 -11.59
CA ILE B 240 -41.33 -2.74 -12.36
C ILE B 240 -42.59 -1.94 -12.04
N GLU B 241 -43.72 -2.61 -11.83
CA GLU B 241 -44.95 -1.90 -11.48
C GLU B 241 -44.79 -1.13 -10.17
N ASP B 242 -44.15 -1.75 -9.17
CA ASP B 242 -43.95 -1.07 -7.91
C ASP B 242 -43.12 0.20 -8.09
N ILE B 243 -42.04 0.12 -8.87
CA ILE B 243 -41.21 1.28 -9.10
C ILE B 243 -41.97 2.35 -9.86
N VAL B 244 -42.70 1.95 -10.90
CA VAL B 244 -43.47 2.91 -11.68
C VAL B 244 -44.59 3.53 -10.84
N LYS B 245 -45.21 2.73 -9.96
CA LYS B 245 -46.24 3.27 -9.09
C LYS B 245 -45.68 4.38 -8.19
N LEU B 246 -44.49 4.16 -7.63
CA LEU B 246 -43.82 5.19 -6.83
C LEU B 246 -43.48 6.42 -7.67
N ILE B 247 -42.94 6.20 -8.88
CA ILE B 247 -42.46 7.31 -9.70
C ILE B 247 -43.63 8.18 -10.16
N ASN B 248 -44.70 7.56 -10.64
CA ASN B 248 -45.88 8.31 -11.05
C ASN B 248 -46.67 8.80 -9.86
N GLY B 249 -46.85 7.95 -8.84
CA GLY B 249 -47.75 8.29 -7.75
C GLY B 249 -47.19 9.25 -6.71
N ARG B 250 -45.88 9.24 -6.49
CA ARG B 250 -45.28 10.05 -5.44
C ARG B 250 -44.26 11.06 -5.94
N TYR B 251 -43.44 10.68 -6.92
CA TYR B 251 -42.30 11.42 -7.43
C TYR B 251 -42.63 12.04 -8.77
N LYS B 252 -43.88 12.48 -8.95
CA LYS B 252 -44.39 12.86 -10.26
C LYS B 252 -43.60 14.06 -10.77
N GLY B 253 -42.84 13.81 -11.82
CA GLY B 253 -42.03 14.85 -12.43
C GLY B 253 -40.74 15.16 -11.72
N GLN B 254 -40.40 14.44 -10.64
CA GLN B 254 -39.23 14.73 -9.84
C GLN B 254 -38.06 13.86 -10.29
N SER B 255 -36.88 14.47 -10.35
CA SER B 255 -35.67 13.76 -10.73
C SER B 255 -35.31 12.67 -9.72
N GLY B 256 -34.77 11.56 -10.23
CA GLY B 256 -34.38 10.46 -9.37
C GLY B 256 -33.36 9.56 -10.03
N ILE B 257 -32.77 8.69 -9.21
CA ILE B 257 -31.71 7.79 -9.64
C ILE B 257 -32.06 6.38 -9.20
N ILE B 258 -31.89 5.42 -10.11
CA ILE B 258 -32.01 4.00 -9.78
C ILE B 258 -30.65 3.33 -10.01
N TYR B 259 -30.14 2.67 -8.98
CA TYR B 259 -28.83 2.02 -9.03
C TYR B 259 -28.99 0.51 -9.16
N CYS B 260 -28.24 -0.08 -10.09
CA CYS B 260 -28.38 -1.49 -10.44
C CYS B 260 -27.06 -2.22 -10.21
N PHE B 261 -27.18 -3.50 -9.81
CA PHE B 261 -25.99 -4.30 -9.55
C PHE B 261 -25.15 -4.49 -10.81
N SER B 262 -25.78 -4.76 -11.94
CA SER B 262 -25.07 -5.13 -13.16
C SER B 262 -25.48 -4.24 -14.31
N GLN B 263 -24.59 -4.17 -15.30
CA GLN B 263 -24.84 -3.34 -16.48
C GLN B 263 -26.08 -3.81 -17.24
N LYS B 264 -26.28 -5.13 -17.34
CA LYS B 264 -27.48 -5.65 -17.99
C LYS B 264 -28.75 -5.19 -17.28
N ASP B 265 -28.71 -5.16 -15.93
CA ASP B 265 -29.87 -4.75 -15.16
C ASP B 265 -30.30 -3.33 -15.51
N SER B 266 -29.33 -2.42 -15.64
CA SER B 266 -29.68 -1.03 -15.91
C SER B 266 -30.38 -0.90 -17.26
N GLU B 267 -29.88 -1.60 -18.27
CA GLU B 267 -30.57 -1.58 -19.57
C GLU B 267 -31.96 -2.19 -19.48
N GLN B 268 -32.11 -3.31 -18.77
CA GLN B 268 -33.41 -3.96 -18.69
C GLN B 268 -34.43 -3.09 -17.96
N VAL B 269 -34.01 -2.46 -16.86
CA VAL B 269 -34.88 -1.55 -16.12
C VAL B 269 -35.25 -0.35 -17.00
N THR B 270 -34.27 0.20 -17.72
CA THR B 270 -34.51 1.40 -18.51
C THR B 270 -35.58 1.17 -19.57
N VAL B 271 -35.50 0.03 -20.28
CA VAL B 271 -36.49 -0.29 -21.29
C VAL B 271 -37.85 -0.50 -20.64
N SER B 272 -37.88 -1.22 -19.51
CA SER B 272 -39.14 -1.45 -18.81
C SER B 272 -39.79 -0.14 -18.38
N LEU B 273 -38.99 0.79 -17.84
CA LEU B 273 -39.52 2.11 -17.48
C LEU B 273 -40.02 2.85 -18.71
N GLN B 274 -39.25 2.81 -19.82
CA GLN B 274 -39.64 3.54 -21.02
C GLN B 274 -40.95 3.01 -21.60
N ASN B 275 -41.15 1.68 -21.56
CA ASN B 275 -42.41 1.10 -22.02
C ASN B 275 -43.60 1.56 -21.18
N LEU B 276 -43.34 2.05 -19.97
CA LEU B 276 -44.38 2.52 -19.06
C LEU B 276 -44.53 4.03 -19.05
N GLY B 277 -43.90 4.72 -20.00
CA GLY B 277 -44.02 6.17 -20.13
C GLY B 277 -43.03 6.99 -19.30
N ILE B 278 -42.18 6.35 -18.52
CA ILE B 278 -41.17 7.06 -17.73
C ILE B 278 -40.01 7.46 -18.63
N HIS B 279 -39.64 8.73 -18.58
CA HIS B 279 -38.47 9.19 -19.32
C HIS B 279 -37.23 8.80 -18.53
N ALA B 280 -36.52 7.78 -19.00
CA ALA B 280 -35.40 7.19 -18.29
C ALA B 280 -34.23 6.95 -19.23
N GLY B 281 -33.02 6.92 -18.66
CA GLY B 281 -31.83 6.66 -19.44
C GLY B 281 -30.79 5.83 -18.71
N ALA B 282 -30.34 4.74 -19.35
CA ALA B 282 -29.33 3.88 -18.73
C ALA B 282 -27.95 4.54 -18.76
N TYR B 283 -27.20 4.35 -17.66
CA TYR B 283 -25.82 4.79 -17.58
C TYR B 283 -24.95 3.63 -17.06
N HIS B 284 -23.86 3.33 -17.77
CA HIS B 284 -22.85 2.40 -17.28
C HIS B 284 -21.54 2.65 -18.02
N ALA B 285 -20.46 2.09 -17.47
CA ALA B 285 -19.11 2.33 -18.01
C ALA B 285 -18.92 1.78 -19.41
N ASN B 286 -19.76 0.84 -19.86
CA ASN B 286 -19.65 0.27 -21.20
C ASN B 286 -20.21 1.18 -22.29
N LEU B 287 -20.91 2.26 -21.92
CA LEU B 287 -21.42 3.20 -22.91
C LEU B 287 -20.28 3.95 -23.59
N GLU B 288 -20.56 4.46 -24.80
CA GLU B 288 -19.60 5.34 -25.42
C GLU B 288 -19.46 6.62 -24.60
N PRO B 289 -18.24 7.18 -24.49
CA PRO B 289 -18.09 8.40 -23.68
C PRO B 289 -18.97 9.56 -24.12
N GLU B 290 -19.19 9.70 -25.45
CA GLU B 290 -20.14 10.72 -25.91
C GLU B 290 -21.56 10.44 -25.41
N ASP B 291 -21.99 9.16 -25.41
CA ASP B 291 -23.31 8.82 -24.91
C ASP B 291 -23.45 9.12 -23.43
N LYS B 292 -22.39 8.86 -22.65
CA LYS B 292 -22.46 9.12 -21.22
C LYS B 292 -22.71 10.58 -20.92
N THR B 293 -22.03 11.48 -21.63
CA THR B 293 -22.26 12.91 -21.45
C THR B 293 -23.69 13.28 -21.84
N THR B 294 -24.19 12.71 -22.93
CA THR B 294 -25.52 13.04 -23.41
C THR B 294 -26.59 12.66 -22.39
N VAL B 295 -26.45 11.48 -21.79
CA VAL B 295 -27.39 11.05 -20.77
C VAL B 295 -27.30 12.00 -19.57
N HIS B 296 -26.08 12.32 -19.15
CA HIS B 296 -25.90 13.20 -18.00
C HIS B 296 -26.48 14.59 -18.26
N ARG B 297 -26.25 15.16 -19.44
CA ARG B 297 -26.77 16.49 -19.72
C ARG B 297 -28.30 16.51 -19.71
N LYS B 298 -28.93 15.50 -20.32
CA LYS B 298 -30.39 15.46 -20.36
C LYS B 298 -30.97 15.34 -18.95
N TRP B 299 -30.37 14.49 -18.15
CA TRP B 299 -30.82 14.34 -16.76
C TRP B 299 -30.62 15.63 -15.98
N SER B 300 -29.47 16.27 -16.15
CA SER B 300 -29.22 17.54 -15.50
C SER B 300 -30.22 18.59 -15.94
N ALA B 301 -30.52 18.61 -17.25
CA ALA B 301 -31.53 19.51 -17.77
C ALA B 301 -32.95 19.12 -17.37
N ASN B 302 -33.12 17.94 -16.75
CA ASN B 302 -34.39 17.35 -16.34
C ASN B 302 -35.19 16.84 -17.52
N GLU B 303 -34.57 16.73 -18.69
CA GLU B 303 -35.20 16.04 -19.81
C GLU B 303 -35.43 14.56 -19.50
N ILE B 304 -34.47 13.92 -18.86
CA ILE B 304 -34.59 12.53 -18.43
C ILE B 304 -34.91 12.53 -16.94
N GLN B 305 -36.10 12.05 -16.58
CA GLN B 305 -36.50 12.04 -15.17
C GLN B 305 -35.63 11.11 -14.33
N VAL B 306 -35.34 9.92 -14.83
CA VAL B 306 -34.70 8.87 -14.04
C VAL B 306 -33.45 8.37 -14.76
N VAL B 307 -32.35 8.25 -14.05
CA VAL B 307 -31.15 7.63 -14.57
C VAL B 307 -30.99 6.26 -13.92
N VAL B 308 -31.01 5.22 -14.74
CA VAL B 308 -30.81 3.85 -14.28
C VAL B 308 -29.33 3.53 -14.49
N ALA B 309 -28.55 3.58 -13.41
CA ALA B 309 -27.10 3.54 -13.49
C ALA B 309 -26.52 2.44 -12.59
N THR B 310 -25.40 1.86 -13.02
CA THR B 310 -24.68 0.82 -12.28
C THR B 310 -23.84 1.48 -11.21
N VAL B 311 -23.23 0.73 -10.29
CA VAL B 311 -22.43 1.52 -9.40
C VAL B 311 -21.12 1.51 -10.18
N ALA B 312 -21.00 2.47 -11.13
CA ALA B 312 -19.86 3.18 -11.63
C ALA B 312 -20.08 4.70 -11.73
N PHE B 313 -21.33 5.14 -11.62
CA PHE B 313 -21.93 6.31 -12.27
C PHE B 313 -21.85 7.47 -11.29
N GLY B 314 -21.05 8.44 -11.74
CA GLY B 314 -19.63 8.44 -12.18
C GLY B 314 -18.76 9.53 -11.73
N MET B 315 -19.25 9.90 -10.60
CA MET B 315 -19.18 10.83 -9.50
C MET B 315 -19.76 12.20 -9.72
N GLY B 316 -20.23 12.60 -10.82
CA GLY B 316 -21.28 12.69 -11.80
C GLY B 316 -22.19 13.77 -11.24
N ILE B 317 -22.73 13.24 -10.15
CA ILE B 317 -23.97 13.79 -9.65
C ILE B 317 -23.66 15.03 -8.83
N ASP B 318 -23.80 16.20 -9.44
CA ASP B 318 -23.78 17.49 -8.78
C ASP B 318 -25.15 18.13 -8.79
N LYS B 319 -26.18 17.32 -8.65
CA LYS B 319 -27.55 17.72 -8.90
C LYS B 319 -28.27 17.92 -7.59
N PRO B 320 -28.62 19.15 -7.22
CA PRO B 320 -29.21 19.43 -5.89
C PRO B 320 -30.51 18.71 -5.63
N ASP B 321 -31.34 18.49 -6.64
CA ASP B 321 -32.80 18.32 -6.56
C ASP B 321 -33.24 16.89 -6.85
N VAL B 322 -32.45 15.91 -6.40
CA VAL B 322 -32.73 14.50 -6.67
C VAL B 322 -33.63 14.05 -5.52
N ARG B 323 -34.93 13.95 -5.83
CA ARG B 323 -35.96 13.70 -4.83
C ARG B 323 -36.02 12.25 -4.37
N PHE B 324 -35.46 11.31 -5.14
CA PHE B 324 -35.47 9.93 -4.71
C PHE B 324 -34.29 9.18 -5.32
N VAL B 325 -33.72 8.27 -4.54
CA VAL B 325 -32.77 7.29 -5.04
C VAL B 325 -33.31 5.91 -4.69
N ILE B 326 -33.42 5.05 -5.69
CA ILE B 326 -33.98 3.71 -5.54
C ILE B 326 -32.88 2.72 -5.86
N HIS B 327 -32.66 1.76 -4.98
CA HIS B 327 -31.69 0.69 -5.22
C HIS B 327 -32.43 -0.53 -5.75
N HIS B 328 -32.19 -0.84 -7.02
CA HIS B 328 -32.75 -2.05 -7.63
C HIS B 328 -32.20 -3.28 -6.94
N SER B 329 -30.91 -3.25 -6.58
CA SER B 329 -30.26 -4.27 -5.78
C SER B 329 -29.49 -3.59 -4.67
N MET B 330 -29.28 -4.33 -3.60
CA MET B 330 -28.55 -3.80 -2.45
C MET B 330 -27.12 -3.50 -2.82
N SER B 331 -26.56 -2.47 -2.19
CA SER B 331 -25.16 -2.13 -2.40
C SER B 331 -24.27 -3.20 -1.78
N LYS B 332 -23.03 -3.29 -2.28
CA LYS B 332 -22.13 -4.32 -1.80
C LYS B 332 -21.64 -4.06 -0.37
N SER B 333 -21.81 -2.84 0.15
CA SER B 333 -21.36 -2.53 1.50
C SER B 333 -22.15 -1.34 2.02
N MET B 334 -22.09 -1.17 3.34
CA MET B 334 -22.76 -0.04 3.98
C MET B 334 -22.17 1.28 3.52
N GLU B 335 -20.84 1.35 3.38
CA GLU B 335 -20.22 2.58 2.90
C GLU B 335 -20.70 2.92 1.50
N ASN B 336 -20.79 1.93 0.60
CA ASN B 336 -21.31 2.18 -0.75
C ASN B 336 -22.75 2.64 -0.73
N TYR B 337 -23.59 2.04 0.12
CA TYR B 337 -25.00 2.43 0.18
C TYR B 337 -25.14 3.89 0.61
N TYR B 338 -24.37 4.29 1.61
CA TYR B 338 -24.49 5.66 2.11
C TYR B 338 -24.10 6.67 1.03
N GLN B 339 -23.00 6.42 0.31
CA GLN B 339 -22.57 7.31 -0.76
C GLN B 339 -23.59 7.32 -1.90
N GLU B 340 -24.09 6.15 -2.29
CA GLU B 340 -25.02 6.07 -3.40
C GLU B 340 -26.37 6.68 -3.05
N SER B 341 -26.90 6.36 -1.86
CA SER B 341 -28.19 6.92 -1.46
C SER B 341 -28.08 8.40 -1.08
N GLY B 342 -26.89 8.87 -0.71
CA GLY B 342 -26.68 10.22 -0.23
C GLY B 342 -26.61 11.26 -1.32
N ARG B 343 -26.67 10.85 -2.57
CA ARG B 343 -26.75 11.82 -3.66
C ARG B 343 -28.15 12.38 -3.83
N ALA B 344 -29.16 11.79 -3.17
CA ALA B 344 -30.47 12.41 -3.12
C ALA B 344 -30.48 13.59 -2.18
N GLY B 345 -31.26 14.61 -2.53
CA GLY B 345 -31.58 15.71 -1.63
C GLY B 345 -30.38 16.53 -1.19
N ARG B 346 -29.47 16.84 -2.10
CA ARG B 346 -28.38 17.76 -1.75
C ARG B 346 -28.87 19.18 -1.53
N ASP B 347 -30.14 19.49 -1.89
CA ASP B 347 -30.72 20.79 -1.61
C ASP B 347 -31.19 20.94 -0.17
N ASP B 348 -31.11 19.87 0.61
CA ASP B 348 -31.48 19.75 2.03
C ASP B 348 -33.00 19.64 2.19
N MET B 349 -33.77 19.60 1.09
CA MET B 349 -35.19 19.30 1.18
C MET B 349 -35.39 17.80 1.27
N LYS B 350 -36.59 17.39 1.67
CA LYS B 350 -36.86 15.98 1.91
C LYS B 350 -36.70 15.18 0.63
N ALA B 351 -36.13 13.99 0.76
CA ALA B 351 -35.95 13.07 -0.35
C ALA B 351 -36.03 11.64 0.18
N ASP B 352 -36.27 10.69 -0.71
CA ASP B 352 -36.50 9.30 -0.34
C ASP B 352 -35.37 8.40 -0.84
N CYS B 353 -34.91 7.52 0.03
CA CYS B 353 -33.98 6.45 -0.34
C CYS B 353 -34.64 5.11 -0.07
N ILE B 354 -34.98 4.38 -1.13
CA ILE B 354 -35.68 3.11 -1.06
C ILE B 354 -34.75 2.00 -1.51
N LEU B 355 -34.56 1.00 -0.66
CA LEU B 355 -33.70 -0.13 -0.97
C LEU B 355 -34.55 -1.39 -1.10
N TYR B 356 -34.37 -2.11 -2.20
CA TYR B 356 -35.12 -3.33 -2.48
C TYR B 356 -34.27 -4.53 -2.10
N TYR B 357 -34.81 -5.37 -1.22
CA TYR B 357 -34.05 -6.48 -0.65
C TYR B 357 -34.41 -7.74 -1.40
N GLY B 358 -33.42 -8.35 -2.05
CA GLY B 358 -33.59 -9.57 -2.79
C GLY B 358 -32.65 -10.66 -2.33
N PHE B 359 -33.18 -11.87 -2.10
CA PHE B 359 -32.37 -12.97 -1.58
C PHE B 359 -31.24 -13.34 -2.54
N GLY B 360 -31.54 -13.42 -3.83
CA GLY B 360 -30.52 -13.79 -4.80
C GLY B 360 -29.44 -12.75 -4.99
N ASP B 361 -29.72 -11.51 -4.63
CA ASP B 361 -28.73 -10.44 -4.71
C ASP B 361 -27.58 -10.65 -3.72
N ILE B 362 -27.81 -11.40 -2.64
CA ILE B 362 -26.76 -11.61 -1.64
C ILE B 362 -25.59 -12.35 -2.27
N PHE B 363 -25.87 -13.41 -3.01
CA PHE B 363 -24.84 -14.29 -3.53
C PHE B 363 -24.25 -13.77 -4.85
N ARG B 364 -24.99 -12.95 -5.57
CA ARG B 364 -24.41 -12.25 -6.72
C ARG B 364 -23.30 -11.33 -6.25
N ILE B 365 -23.53 -10.59 -5.17
CA ILE B 365 -22.51 -9.71 -4.60
C ILE B 365 -21.41 -10.52 -3.93
N SER B 366 -21.78 -11.56 -3.19
CA SER B 366 -20.81 -12.31 -2.38
C SER B 366 -19.77 -12.99 -3.27
N SER B 367 -20.21 -13.58 -4.37
CA SER B 367 -19.32 -14.20 -5.36
C SER B 367 -18.41 -13.15 -5.96
N MET B 368 -18.96 -11.97 -6.25
CA MET B 368 -18.26 -10.89 -6.93
C MET B 368 -17.08 -10.41 -6.07
N VAL B 369 -17.28 -10.28 -4.78
CA VAL B 369 -16.39 -9.56 -3.86
C VAL B 369 -15.53 -10.54 -3.06
N VAL B 370 -15.38 -11.77 -3.58
CA VAL B 370 -14.66 -12.84 -2.90
C VAL B 370 -13.20 -12.46 -2.71
N MET B 371 -12.59 -11.86 -3.73
CA MET B 371 -11.16 -11.54 -3.65
C MET B 371 -10.86 -10.51 -2.57
N GLU B 372 -11.77 -9.56 -2.32
CA GLU B 372 -11.55 -8.63 -1.21
C GLU B 372 -11.48 -9.39 0.10
N ASN B 373 -10.44 -9.05 0.91
CA ASN B 373 -10.20 -9.79 2.15
C ASN B 373 -11.37 -9.64 3.14
N VAL B 374 -11.93 -8.44 3.25
CA VAL B 374 -13.04 -8.17 4.14
C VAL B 374 -14.35 -7.99 3.37
N GLY B 375 -14.37 -8.38 2.10
CA GLY B 375 -15.54 -8.11 1.28
C GLY B 375 -16.81 -8.80 1.76
N GLN B 376 -16.69 -10.08 2.14
CA GLN B 376 -17.88 -10.80 2.60
C GLN B 376 -18.45 -10.18 3.87
N GLN B 377 -17.57 -9.77 4.79
CA GLN B 377 -18.03 -9.20 6.06
C GLN B 377 -18.81 -7.91 5.83
N LYS B 378 -18.31 -7.03 4.93
CA LYS B 378 -19.00 -5.79 4.62
C LYS B 378 -20.37 -6.04 3.98
N LEU B 379 -20.44 -7.04 3.10
CA LEU B 379 -21.72 -7.39 2.49
C LEU B 379 -22.72 -7.88 3.53
N TYR B 380 -22.27 -8.73 4.47
CA TYR B 380 -23.15 -9.25 5.49
C TYR B 380 -23.71 -8.14 6.37
N GLU B 381 -22.94 -7.06 6.55
CA GLU B 381 -23.45 -5.89 7.26
C GLU B 381 -24.61 -5.27 6.50
N MET B 382 -24.50 -5.16 5.18
CA MET B 382 -25.61 -4.66 4.36
C MET B 382 -26.83 -5.57 4.46
N VAL B 383 -26.61 -6.89 4.45
CA VAL B 383 -27.73 -7.83 4.59
C VAL B 383 -28.44 -7.63 5.92
N SER B 384 -27.67 -7.46 6.99
CA SER B 384 -28.25 -7.26 8.33
C SER B 384 -29.11 -6.00 8.37
N TYR B 385 -28.70 -4.95 7.65
CA TYR B 385 -29.50 -3.73 7.55
C TYR B 385 -30.85 -4.01 6.90
N CYS B 386 -30.85 -4.78 5.82
CA CYS B 386 -32.09 -5.18 5.16
C CYS B 386 -32.94 -6.05 6.08
N GLN B 387 -32.30 -6.98 6.80
CA GLN B 387 -33.04 -7.89 7.67
C GLN B 387 -33.78 -7.16 8.79
N ASN B 388 -33.15 -6.15 9.39
CA ASN B 388 -33.72 -5.51 10.57
C ASN B 388 -35.07 -4.88 10.24
N ILE B 389 -36.04 -5.09 11.12
CA ILE B 389 -37.34 -4.46 10.99
C ILE B 389 -37.72 -3.60 12.19
N SER B 390 -36.84 -3.45 13.19
CA SER B 390 -37.15 -2.62 14.33
C SER B 390 -36.23 -1.42 14.51
N LYS B 391 -34.92 -1.63 14.39
CA LYS B 391 -33.94 -0.59 14.66
C LYS B 391 -34.06 0.54 13.65
N CYS B 392 -33.78 1.75 14.14
CA CYS B 392 -33.73 2.88 13.22
C CYS B 392 -32.61 2.69 12.19
N ARG B 393 -32.88 3.13 10.96
CA ARG B 393 -31.88 3.03 9.89
C ARG B 393 -30.65 3.85 10.21
N ARG B 394 -30.84 5.06 10.75
CA ARG B 394 -29.70 5.91 11.11
C ARG B 394 -28.86 5.28 12.21
N VAL B 395 -29.50 4.62 13.18
CA VAL B 395 -28.73 3.90 14.20
C VAL B 395 -27.89 2.80 13.56
N LEU B 396 -28.48 2.03 12.63
CA LEU B 396 -27.73 0.99 11.96
C LEU B 396 -26.57 1.56 11.14
N MET B 397 -26.82 2.66 10.41
CA MET B 397 -25.74 3.33 9.69
C MET B 397 -24.72 3.91 10.64
N ALA B 398 -25.17 4.46 11.78
CA ALA B 398 -24.25 5.01 12.75
C ALA B 398 -23.28 3.96 13.24
N GLN B 399 -23.73 2.71 13.32
CA GLN B 399 -22.81 1.63 13.69
C GLN B 399 -21.72 1.41 12.65
N HIS B 400 -22.03 1.64 11.34
CA HIS B 400 -20.98 1.62 10.33
C HIS B 400 -19.96 2.74 10.54
N PHE B 401 -20.41 3.93 10.89
CA PHE B 401 -19.52 5.08 11.13
C PHE B 401 -19.16 5.12 12.61
N ASP B 402 -18.14 4.36 12.97
CA ASP B 402 -17.92 4.23 14.39
C ASP B 402 -17.53 5.56 15.05
N GLU B 403 -16.69 6.41 14.40
CA GLU B 403 -16.48 7.69 15.07
C GLU B 403 -17.50 8.82 14.92
N VAL B 404 -17.74 9.29 13.69
CA VAL B 404 -18.56 10.51 13.58
C VAL B 404 -20.01 10.04 13.48
N TRP B 405 -20.74 10.00 14.56
CA TRP B 405 -22.20 10.05 14.53
C TRP B 405 -22.70 10.51 15.91
N ASN B 406 -23.36 11.64 15.97
CA ASN B 406 -23.96 12.14 17.20
C ASN B 406 -25.32 11.47 17.38
N SER B 407 -26.09 11.96 18.36
CA SER B 407 -27.29 11.32 18.88
C SER B 407 -28.52 12.02 18.31
N GLU B 408 -28.34 12.61 17.11
CA GLU B 408 -29.39 13.35 16.44
C GLU B 408 -30.57 12.44 16.15
N ALA B 409 -31.77 12.95 16.47
CA ALA B 409 -32.98 12.16 16.37
C ALA B 409 -33.34 11.89 14.92
N CYS B 410 -33.86 10.68 14.67
CA CYS B 410 -34.38 10.36 13.35
C CYS B 410 -35.56 11.25 12.99
N ASN B 411 -36.45 11.50 13.96
CA ASN B 411 -37.66 12.28 13.74
C ASN B 411 -38.53 11.68 12.64
N LYS B 412 -38.80 10.37 12.76
CA LYS B 412 -39.69 9.65 11.84
C LYS B 412 -39.26 9.82 10.39
N MET B 413 -37.95 9.71 10.15
CA MET B 413 -37.36 9.83 8.82
C MET B 413 -36.77 8.49 8.34
N CYS B 414 -37.34 7.38 8.81
CA CYS B 414 -37.00 6.07 8.27
C CYS B 414 -38.20 5.15 8.47
N ASP B 415 -38.22 4.06 7.68
CA ASP B 415 -39.39 3.19 7.70
C ASP B 415 -39.61 2.55 9.06
N ASN B 416 -38.55 2.08 9.70
CA ASN B 416 -38.70 1.39 10.99
C ASN B 416 -39.19 2.31 12.09
N CYS B 417 -38.80 3.58 12.06
CA CYS B 417 -39.31 4.54 13.03
C CYS B 417 -40.78 4.88 12.79
N CYS B 418 -41.22 4.85 11.54
CA CYS B 418 -42.58 5.24 11.21
C CYS B 418 -43.59 4.11 11.36
N LYS B 419 -43.16 2.90 11.66
CA LYS B 419 -44.11 1.80 11.73
C LYS B 419 -44.72 1.69 13.12
N ASP B 420 -45.64 0.73 13.23
CA ASP B 420 -46.31 0.38 14.49
C ASP B 420 -45.31 -0.07 15.56
N SER B 421 -44.15 -0.64 15.16
CA SER B 421 -43.16 -1.09 16.16
C SER B 421 -43.64 -2.11 17.23
N ALA B 422 -44.05 -3.31 16.77
CA ALA B 422 -44.49 -4.39 17.67
C ALA B 422 -44.02 -5.73 17.10
N PHE B 423 -43.02 -6.31 17.81
CA PHE B 423 -42.22 -7.43 17.34
C PHE B 423 -42.05 -8.49 18.43
N GLU B 424 -41.80 -9.73 17.99
CA GLU B 424 -41.62 -10.89 18.86
C GLU B 424 -40.47 -11.74 18.32
N ARG B 425 -39.93 -12.59 19.18
CA ARG B 425 -38.91 -13.55 18.79
C ARG B 425 -39.58 -14.83 18.33
N LYS B 426 -39.40 -15.19 17.06
CA LYS B 426 -39.94 -16.43 16.52
C LYS B 426 -38.84 -17.48 16.64
N ASN B 427 -39.05 -18.51 17.46
CA ASN B 427 -37.99 -19.49 17.67
C ASN B 427 -37.71 -20.16 16.36
N ILE B 428 -36.43 -20.39 15.96
CA ILE B 428 -36.69 -21.45 15.04
C ILE B 428 -36.26 -22.92 15.02
N THR B 429 -35.00 -23.32 14.98
CA THR B 429 -33.79 -23.95 15.34
C THR B 429 -34.09 -25.40 15.16
N GLU B 430 -35.33 -25.79 14.80
CA GLU B 430 -35.80 -26.87 13.94
C GLU B 430 -35.51 -26.71 12.46
N TYR B 431 -35.79 -25.52 11.97
CA TYR B 431 -35.62 -25.18 10.57
C TYR B 431 -34.16 -25.26 10.26
N CYS B 432 -33.36 -24.74 11.18
CA CYS B 432 -31.92 -24.78 11.03
C CYS B 432 -31.45 -26.23 11.13
N ARG B 433 -31.96 -26.98 12.11
CA ARG B 433 -31.60 -28.38 12.20
C ARG B 433 -32.07 -29.16 10.97
N ASP B 434 -33.26 -28.84 10.43
CA ASP B 434 -33.73 -29.48 9.21
C ASP B 434 -32.78 -29.22 8.03
N LEU B 435 -32.33 -27.97 7.89
CA LEU B 435 -31.40 -27.65 6.80
C LEU B 435 -30.06 -28.36 6.96
N ILE B 436 -29.65 -28.61 8.20
CA ILE B 436 -28.44 -29.41 8.45
C ILE B 436 -28.61 -30.80 7.88
N LYS B 437 -29.78 -31.40 8.07
CA LYS B 437 -30.04 -32.73 7.53
C LYS B 437 -29.94 -32.72 6.01
N ILE B 438 -30.50 -31.70 5.36
CA ILE B 438 -30.41 -31.61 3.91
C ILE B 438 -28.95 -31.47 3.48
N LEU B 439 -28.20 -30.58 4.15
CA LEU B 439 -26.81 -30.37 3.79
C LEU B 439 -25.96 -31.61 4.06
N LYS B 440 -26.16 -32.26 5.21
CA LYS B 440 -25.37 -33.46 5.50
C LYS B 440 -25.64 -34.56 4.49
N GLN B 441 -26.91 -34.74 4.11
CA GLN B 441 -27.25 -35.71 3.07
C GLN B 441 -26.57 -35.36 1.75
N ALA B 442 -26.59 -34.07 1.39
CA ALA B 442 -25.89 -33.65 0.17
C ALA B 442 -24.39 -33.89 0.28
N GLU B 443 -23.79 -33.58 1.43
CA GLU B 443 -22.37 -33.86 1.63
C GLU B 443 -22.10 -35.36 1.58
N GLU B 444 -22.99 -36.16 2.19
CA GLU B 444 -22.87 -37.62 2.10
C GLU B 444 -23.08 -38.12 0.67
N LEU B 445 -23.86 -37.39 -0.12
CA LEU B 445 -24.07 -37.71 -1.52
C LEU B 445 -22.96 -37.16 -2.40
N ASN B 446 -22.01 -36.44 -1.83
CA ASN B 446 -20.96 -35.76 -2.58
C ASN B 446 -21.55 -34.82 -3.64
N GLU B 447 -22.59 -34.08 -3.24
CA GLU B 447 -23.24 -33.09 -4.09
C GLU B 447 -23.14 -31.71 -3.43
N LYS B 448 -22.83 -30.71 -4.25
CA LYS B 448 -22.83 -29.31 -3.81
C LYS B 448 -24.22 -28.71 -4.01
N LEU B 449 -24.65 -27.92 -3.03
CA LEU B 449 -25.95 -27.26 -3.08
C LEU B 449 -25.76 -25.76 -3.25
N THR B 450 -26.34 -25.20 -4.30
CA THR B 450 -26.52 -23.75 -4.39
C THR B 450 -27.64 -23.33 -3.43
N PRO B 451 -27.69 -22.05 -3.06
CA PRO B 451 -28.82 -21.59 -2.24
C PRO B 451 -30.17 -21.88 -2.86
N LEU B 452 -30.28 -21.83 -4.20
CA LEU B 452 -31.51 -22.23 -4.87
C LEU B 452 -31.82 -23.70 -4.61
N LYS B 453 -30.81 -24.56 -4.72
CA LYS B 453 -31.03 -26.00 -4.52
C LYS B 453 -31.44 -26.30 -3.08
N LEU B 454 -30.81 -25.64 -2.12
CA LEU B 454 -31.13 -25.91 -0.72
C LEU B 454 -32.59 -25.55 -0.41
N ILE B 455 -33.05 -24.40 -0.92
CA ILE B 455 -34.41 -23.97 -0.63
C ILE B 455 -35.42 -24.89 -1.32
N ASP B 456 -35.13 -25.32 -2.55
CA ASP B 456 -36.02 -26.24 -3.24
C ASP B 456 -36.14 -27.57 -2.51
N SER B 457 -35.02 -28.11 -2.01
CA SER B 457 -35.09 -29.36 -1.27
C SER B 457 -35.91 -29.19 0.01
N TRP B 458 -35.78 -28.02 0.64
CA TRP B 458 -36.58 -27.73 1.83
C TRP B 458 -38.08 -27.75 1.53
N MET B 459 -38.49 -27.20 0.38
CA MET B 459 -39.90 -27.07 0.05
C MET B 459 -40.50 -28.33 -0.57
N GLY B 460 -39.70 -29.39 -0.74
CA GLY B 460 -40.15 -30.60 -1.39
C GLY B 460 -40.12 -30.56 -2.90
N LYS B 461 -39.62 -29.46 -3.48
CA LYS B 461 -39.48 -29.29 -4.91
C LYS B 461 -38.07 -29.68 -5.34
N GLY B 462 -37.75 -29.43 -6.61
CA GLY B 462 -36.43 -29.77 -7.10
C GLY B 462 -36.25 -31.27 -7.26
N ALA B 463 -34.99 -31.65 -7.44
CA ALA B 463 -34.66 -33.06 -7.58
C ALA B 463 -35.01 -33.81 -6.30
N ALA B 464 -35.68 -34.95 -6.46
CA ALA B 464 -36.02 -35.78 -5.31
C ALA B 464 -34.78 -36.36 -4.66
N LYS B 465 -33.72 -36.55 -5.45
CA LYS B 465 -32.48 -37.09 -4.89
C LYS B 465 -31.91 -36.18 -3.82
N LEU B 466 -31.95 -34.88 -4.02
CA LEU B 466 -31.46 -33.92 -3.04
C LEU B 466 -32.44 -33.66 -1.89
N ARG B 467 -33.66 -34.19 -1.97
CA ARG B 467 -34.61 -34.06 -0.87
C ARG B 467 -34.41 -35.22 0.10
N VAL B 468 -34.41 -34.91 1.42
CA VAL B 468 -34.28 -35.93 2.46
C VAL B 468 -35.68 -36.23 3.01
N ALA B 469 -36.05 -37.51 3.03
CA ALA B 469 -37.37 -37.87 3.51
C ALA B 469 -37.52 -37.50 4.98
N GLY B 470 -38.70 -36.98 5.33
CA GLY B 470 -39.01 -36.63 6.69
C GLY B 470 -38.95 -35.14 7.02
N VAL B 471 -38.42 -34.31 6.12
CA VAL B 471 -38.39 -32.86 6.38
C VAL B 471 -39.67 -32.26 5.78
N VAL B 472 -40.54 -31.76 6.65
CA VAL B 472 -41.83 -31.27 6.20
C VAL B 472 -41.65 -29.88 5.61
N ALA B 473 -42.32 -29.63 4.48
CA ALA B 473 -42.23 -28.33 3.84
C ALA B 473 -42.81 -27.27 4.76
N PRO B 474 -42.17 -26.11 4.89
CA PRO B 474 -42.74 -25.06 5.75
C PRO B 474 -44.07 -24.56 5.18
N THR B 475 -44.95 -24.11 6.07
CA THR B 475 -46.12 -23.33 5.64
C THR B 475 -45.87 -21.83 5.64
N LEU B 476 -44.83 -21.39 4.93
CA LEU B 476 -44.48 -19.98 4.90
C LEU B 476 -44.28 -19.51 3.47
N PRO B 477 -44.45 -18.22 3.19
CA PRO B 477 -44.07 -17.70 1.87
C PRO B 477 -42.58 -17.89 1.61
N ARG B 478 -42.23 -18.08 0.34
CA ARG B 478 -40.83 -18.27 -0.05
C ARG B 478 -39.96 -17.10 0.40
N GLU B 479 -40.51 -15.89 0.45
CA GLU B 479 -39.75 -14.74 0.95
C GLU B 479 -39.36 -14.93 2.41
N ASP B 480 -40.29 -15.47 3.21
CA ASP B 480 -39.96 -15.76 4.61
C ASP B 480 -38.87 -16.82 4.72
N LEU B 481 -38.93 -17.86 3.87
CA LEU B 481 -37.90 -18.89 3.88
C LEU B 481 -36.55 -18.31 3.51
N GLU B 482 -36.52 -17.42 2.53
CA GLU B 482 -35.27 -16.77 2.12
C GLU B 482 -34.67 -15.97 3.28
N LYS B 483 -35.51 -15.22 4.00
CA LYS B 483 -35.03 -14.44 5.13
C LYS B 483 -34.43 -15.34 6.21
N ILE B 484 -35.08 -16.47 6.47
CA ILE B 484 -34.60 -17.40 7.49
C ILE B 484 -33.24 -17.93 7.12
N ILE B 485 -33.05 -18.32 5.86
CA ILE B 485 -31.75 -18.82 5.41
C ILE B 485 -30.70 -17.72 5.53
N ALA B 486 -31.06 -16.48 5.16
CA ALA B 486 -30.13 -15.36 5.30
C ALA B 486 -29.72 -15.16 6.76
N HIS B 487 -30.68 -15.28 7.68
CA HIS B 487 -30.36 -15.15 9.10
C HIS B 487 -29.37 -16.21 9.55
N PHE B 488 -29.55 -17.46 9.11
CA PHE B 488 -28.61 -18.51 9.47
C PHE B 488 -27.22 -18.25 8.93
N LEU B 489 -27.14 -17.75 7.69
CA LEU B 489 -25.84 -17.41 7.10
C LEU B 489 -25.15 -16.30 7.89
N ILE B 490 -25.91 -15.27 8.28
CA ILE B 490 -25.34 -14.17 9.06
C ILE B 490 -24.84 -14.69 10.40
N GLN B 491 -25.58 -15.61 11.01
CA GLN B 491 -25.24 -16.13 12.32
C GLN B 491 -24.20 -17.25 12.29
N GLN B 492 -23.74 -17.63 11.09
CA GLN B 492 -22.68 -18.62 10.89
C GLN B 492 -23.12 -20.03 11.26
N TYR B 493 -24.42 -20.28 11.34
CA TYR B 493 -24.91 -21.66 11.35
C TYR B 493 -24.78 -22.28 9.96
N LEU B 494 -24.82 -21.47 8.91
CA LEU B 494 -24.47 -21.89 7.57
C LEU B 494 -23.42 -20.93 7.02
N LYS B 495 -22.55 -21.44 6.15
CA LYS B 495 -21.48 -20.64 5.58
C LYS B 495 -21.44 -20.81 4.07
N GLU B 496 -21.06 -19.73 3.40
CA GLU B 496 -20.85 -19.79 1.96
C GLU B 496 -19.55 -20.55 1.63
N ASP B 497 -19.60 -21.35 0.58
CA ASP B 497 -18.43 -22.00 0.00
C ASP B 497 -18.34 -21.59 -1.46
N TYR B 498 -17.17 -21.11 -1.87
CA TYR B 498 -16.98 -20.53 -3.20
C TYR B 498 -16.27 -21.54 -4.11
N SER B 499 -16.80 -21.70 -5.32
CA SER B 499 -16.16 -22.53 -6.33
C SER B 499 -15.75 -21.62 -7.49
N PHE B 500 -14.50 -21.76 -7.91
CA PHE B 500 -13.98 -21.02 -9.06
C PHE B 500 -14.08 -21.91 -10.29
N THR B 501 -15.06 -21.65 -11.12
CA THR B 501 -15.25 -22.37 -12.37
C THR B 501 -14.65 -21.59 -13.52
N ALA B 502 -14.60 -22.25 -14.68
CA ALA B 502 -14.05 -21.61 -15.87
C ALA B 502 -14.87 -20.41 -16.32
N TYR B 503 -16.16 -20.36 -15.95
CA TYR B 503 -17.07 -19.32 -16.40
C TYR B 503 -17.34 -18.25 -15.35
N ALA B 504 -17.47 -18.62 -14.07
CA ALA B 504 -17.76 -17.64 -13.04
C ALA B 504 -17.44 -18.23 -11.68
N THR B 505 -17.49 -17.37 -10.67
CA THR B 505 -17.36 -17.79 -9.28
C THR B 505 -18.75 -18.07 -8.71
N ILE B 506 -18.94 -19.29 -8.21
CA ILE B 506 -20.26 -19.81 -7.83
C ILE B 506 -20.29 -19.99 -6.32
N SER B 507 -21.36 -19.53 -5.71
CA SER B 507 -21.52 -19.57 -4.26
C SER B 507 -22.39 -20.77 -3.88
N TYR B 508 -21.86 -21.62 -3.01
CA TYR B 508 -22.58 -22.77 -2.49
C TYR B 508 -22.72 -22.65 -0.98
N LEU B 509 -23.83 -23.15 -0.45
CA LEU B 509 -24.07 -23.13 0.98
C LEU B 509 -23.54 -24.41 1.64
N LYS B 510 -22.92 -24.26 2.80
CA LYS B 510 -22.37 -25.38 3.55
C LYS B 510 -22.66 -25.20 5.03
N ILE B 511 -22.49 -26.28 5.79
CA ILE B 511 -22.72 -26.24 7.23
C ILE B 511 -21.74 -25.27 7.89
N GLY B 512 -22.26 -24.39 8.72
CA GLY B 512 -21.48 -23.35 9.35
C GLY B 512 -20.65 -23.80 10.53
N PRO B 513 -19.66 -22.97 10.91
CA PRO B 513 -18.87 -23.27 12.12
C PRO B 513 -19.71 -23.37 13.38
N LYS B 514 -20.78 -22.60 13.49
CA LYS B 514 -21.57 -22.54 14.71
C LYS B 514 -22.64 -23.61 14.77
N ALA B 515 -22.73 -24.46 13.74
CA ALA B 515 -23.74 -25.52 13.74
C ALA B 515 -23.58 -26.52 14.88
N ASN B 516 -22.38 -26.66 15.44
CA ASN B 516 -22.20 -27.59 16.55
C ASN B 516 -22.94 -27.17 17.82
N LEU B 517 -23.38 -25.90 17.88
CA LEU B 517 -24.19 -25.44 19.01
C LEU B 517 -25.54 -26.15 19.06
N LEU B 518 -26.05 -26.62 17.91
CA LEU B 518 -27.34 -27.31 17.85
C LEU B 518 -27.31 -28.66 18.56
N ASN B 519 -26.11 -29.16 18.89
CA ASN B 519 -26.01 -30.44 19.60
C ASN B 519 -26.68 -30.34 20.98
N ASN B 520 -26.44 -29.24 21.68
CA ASN B 520 -27.21 -28.96 22.89
C ASN B 520 -28.68 -28.83 22.55
N GLU B 521 -29.52 -29.53 23.31
CA GLU B 521 -30.96 -29.56 23.03
C GLU B 521 -31.69 -28.34 23.57
N ALA B 522 -31.04 -27.58 24.46
CA ALA B 522 -31.57 -26.35 25.05
C ALA B 522 -31.33 -25.15 24.15
N HIS B 523 -30.53 -25.35 23.09
CA HIS B 523 -29.89 -24.33 22.26
C HIS B 523 -30.71 -23.99 21.04
N ALA B 524 -30.75 -22.71 20.81
CA ALA B 524 -31.75 -21.71 21.05
C ALA B 524 -31.50 -20.69 19.96
N ILE B 525 -32.34 -20.71 18.93
CA ILE B 525 -32.22 -19.77 17.82
C ILE B 525 -33.52 -18.99 17.69
N THR B 526 -33.44 -17.67 17.64
CA THR B 526 -34.63 -16.86 17.46
C THR B 526 -34.37 -15.78 16.42
N MET B 527 -35.44 -15.36 15.75
CA MET B 527 -35.40 -14.24 14.83
C MET B 527 -36.57 -13.29 15.11
N GLN B 528 -36.33 -12.01 14.90
CA GLN B 528 -37.38 -11.00 15.07
C GLN B 528 -38.39 -11.09 13.93
N VAL B 529 -39.68 -11.08 14.29
CA VAL B 529 -40.77 -11.10 13.33
C VAL B 529 -41.84 -10.11 13.78
N THR B 530 -42.42 -9.40 12.81
CA THR B 530 -43.48 -8.44 13.12
C THR B 530 -44.69 -9.17 13.73
N LYS B 531 -45.36 -8.50 14.67
CA LYS B 531 -46.48 -9.09 15.38
C LYS B 531 -47.82 -8.69 14.76
ZN ZN E . 33.79 -4.51 18.14
PB ADP F . 17.59 -16.63 0.43
O1B ADP F . 18.31 -15.65 -0.45
O2B ADP F . 16.21 -16.97 -0.04
O3B ADP F . 17.69 -16.35 1.89
PA ADP F . 18.98 -18.65 -1.10
O1A ADP F . 18.07 -19.75 -1.56
O2A ADP F . 19.35 -17.52 -2.03
O3A ADP F . 18.38 -18.05 0.28
O5' ADP F . 20.34 -19.35 -0.60
C5' ADP F . 21.61 -18.82 -0.99
C4' ADP F . 22.61 -19.96 -1.12
O4' ADP F . 22.77 -20.68 0.10
C3' ADP F . 22.18 -20.95 -2.18
O3' ADP F . 23.14 -20.95 -3.23
C2' ADP F . 22.17 -22.30 -1.50
O2' ADP F . 22.80 -23.27 -2.32
C1' ADP F . 22.94 -22.06 -0.20
N9 ADP F . 22.44 -22.94 0.89
C8 ADP F . 21.17 -23.03 1.34
N7 ADP F . 21.07 -23.96 2.33
C5 ADP F . 22.31 -24.48 2.52
C6 ADP F . 22.92 -25.50 3.41
N6 ADP F . 22.18 -26.16 4.33
N1 ADP F . 24.24 -25.74 3.27
C2 ADP F . 24.98 -25.09 2.37
N3 ADP F . 24.50 -24.16 1.53
C4 ADP F . 23.19 -23.81 1.56
MG MG G . 15.52 -15.18 -1.47
K K H . 18.86 -23.89 -3.04
C1 PGE I . -17.87 -3.81 -7.87
O1 PGE I . -16.84 -4.42 -7.11
C2 PGE I . -17.86 -4.39 -9.28
O2 PGE I . -18.81 -3.71 -10.08
C3 PGE I . -19.27 -4.47 -11.18
C4 PGE I . -19.90 -3.50 -12.19
O4 PGE I . -21.37 -7.01 -14.98
C6 PGE I . -21.35 -5.61 -14.80
C5 PGE I . -20.38 -5.27 -13.68
O3 PGE I . -20.88 -4.17 -12.96
ZN ZN J . -35.34 6.08 12.25
PB ADP K . -16.90 16.83 -2.76
O1B ADP K . -17.52 15.72 -3.58
O2B ADP K . -15.44 17.07 -3.08
O3B ADP K . -17.23 16.77 -1.29
PA ADP K . -18.06 18.57 -4.73
O1A ADP K . -17.01 19.47 -5.34
O2A ADP K . -18.49 17.32 -5.45
O3A ADP K . -17.60 18.22 -3.22
O5' ADP K . -19.39 19.43 -4.47
C5' ADP K . -20.64 18.91 -4.89
C4' ADP K . -21.58 20.04 -5.26
O4' ADP K . -21.91 20.82 -4.12
C3' ADP K . -20.95 20.97 -6.28
O3' ADP K . -21.68 20.92 -7.51
C2' ADP K . -21.07 22.36 -5.69
O2' ADP K . -21.63 23.24 -6.67
C1' ADP K . -22.03 22.19 -4.52
N9 ADP K . -21.73 23.12 -3.39
C8 ADP K . -20.56 23.26 -2.73
N7 ADP K . -20.66 24.21 -1.78
C5 ADP K . -21.92 24.72 -1.82
C6 ADP K . -22.70 25.74 -1.09
N6 ADP K . -22.15 26.46 -0.08
N1 ADP K . -23.98 25.94 -1.46
C2 ADP K . -24.55 25.24 -2.46
N3 ADP K . -23.91 24.30 -3.16
C4 ADP K . -22.61 23.99 -2.89
MG MG L . -13.51 16.28 -4.52
K K M . -25.18 -2.18 -6.39
K K N . -19.98 -0.87 -14.59
K K O . 22.21 12.60 -29.00
K K P . 21.68 17.03 -24.09
K K Q . 21.95 14.94 -26.49
K K R . -17.81 -24.68 -20.61
K K S . -18.63 -25.65 -23.70
#